data_5S70
#
_entry.id   5S70
#
_cell.length_a   149.900
_cell.length_b   149.900
_cell.length_c   112.357
_cell.angle_alpha   90.000
_cell.angle_beta   90.000
_cell.angle_gamma   120.000
#
_symmetry.space_group_name_H-M   'P 63'
#
loop_
_entity.id
_entity.type
_entity.pdbx_description
1 polymer 'Uridylate-specific endoribonuclease'
2 non-polymer 'CITRIC ACID'
3 non-polymer (5R)-2-methyl-4,5,6,7-tetrahydro-1H-benzimidazol-5-amine
4 water water
#
_entity_poly.entity_id   1
_entity_poly.type   'polypeptide(L)'
_entity_poly.pdbx_seq_one_letter_code
;GAMSLENVAFNVVNKGHFDGQQGEVPVSIINNTVYTKVDGVDVELFENKTTLPVNVAFELWAKRNIKPVPEVKILNNLGV
DIAANTVIWDYKRDAPAHISTIGVCSMTDIAKKPTETICAPLTVFFDGRVDGQVDLFRNARNGVLITEGSVKGLQPSVGP
KQASLNGVTLIGEAVKTQFNYYKKVDGVVQQLPETYFTQSRNLQEFKPRSQMEIDFLELAMDEFIERYKLEGYAFEHIVY
GDFSHSQLGGLHLLIGLAKRFKESPFELEDFIPMDSTVKNYFITDAQTGSSKCVCSVIDLLLDDFVEIIKSQDLSVVSKV
VKVTIDYTEISFMLWCKDGHVETFYPKLQ
;
_entity_poly.pdbx_strand_id   A,B
#
# COMPACT_ATOMS: atom_id res chain seq x y z
N ALA A 2 34.38 6.34 8.88
CA ALA A 2 35.84 6.33 8.73
C ALA A 2 36.20 5.11 7.88
N MET A 3 35.82 5.19 6.60
CA MET A 3 36.00 4.13 5.63
C MET A 3 37.45 3.84 5.21
N SER A 4 37.77 2.54 5.09
CA SER A 4 39.09 2.06 4.68
C SER A 4 39.03 0.64 4.15
N LEU A 5 39.98 0.31 3.28
CA LEU A 5 40.14 -1.00 2.71
C LEU A 5 40.33 -2.06 3.81
N GLU A 6 41.16 -1.76 4.80
CA GLU A 6 41.45 -2.68 5.90
C GLU A 6 40.25 -2.87 6.83
N ASN A 7 39.37 -1.86 6.95
CA ASN A 7 38.16 -1.97 7.74
C ASN A 7 37.11 -2.77 6.99
N VAL A 8 36.97 -2.58 5.66
CA VAL A 8 36.05 -3.34 4.80
C VAL A 8 36.43 -4.82 4.88
N ALA A 9 37.72 -5.13 4.78
CA ALA A 9 38.26 -6.49 4.85
C ALA A 9 38.02 -7.10 6.23
N PHE A 10 38.17 -6.31 7.32
CA PHE A 10 37.87 -6.77 8.67
C PHE A 10 36.39 -7.19 8.75
N ASN A 11 35.51 -6.36 8.19
CA ASN A 11 34.08 -6.64 8.17
C ASN A 11 33.78 -7.89 7.37
N VAL A 12 34.44 -8.09 6.22
CA VAL A 12 34.24 -9.29 5.41
C VAL A 12 34.64 -10.52 6.18
N VAL A 13 35.87 -10.55 6.70
CA VAL A 13 36.42 -11.66 7.48
C VAL A 13 35.60 -12.03 8.74
N ASN A 14 35.19 -11.03 9.53
CA ASN A 14 34.50 -11.27 10.78
C ASN A 14 32.98 -11.32 10.71
N LYS A 15 32.36 -10.50 9.86
CA LYS A 15 30.91 -10.41 9.74
C LYS A 15 30.32 -11.00 8.48
N GLY A 16 31.14 -11.53 7.58
CA GLY A 16 30.65 -12.12 6.34
C GLY A 16 30.37 -11.12 5.22
N HIS A 17 30.34 -9.84 5.56
CA HIS A 17 30.04 -8.70 4.71
C HIS A 17 30.28 -7.39 5.51
N PHE A 18 30.03 -6.23 4.89
CA PHE A 18 30.21 -4.96 5.57
C PHE A 18 29.08 -4.75 6.56
N ASP A 19 29.41 -4.62 7.84
CA ASP A 19 28.44 -4.48 8.91
C ASP A 19 28.67 -3.26 9.85
N GLY A 20 29.46 -2.31 9.38
CA GLY A 20 29.75 -1.10 10.15
C GLY A 20 30.61 -1.30 11.37
N GLN A 21 31.25 -2.46 11.49
CA GLN A 21 32.09 -2.75 12.64
C GLN A 21 33.43 -2.05 12.58
N GLN A 22 34.04 -1.84 13.74
CA GLN A 22 35.35 -1.19 13.83
C GLN A 22 36.42 -2.28 13.81
N GLY A 23 37.54 -2.00 13.14
CA GLY A 23 38.63 -2.96 13.08
C GLY A 23 39.33 -2.95 11.76
N GLU A 24 40.53 -3.55 11.69
CA GLU A 24 41.31 -3.59 10.47
C GLU A 24 42.04 -4.90 10.36
N VAL A 25 42.11 -5.46 9.16
CA VAL A 25 42.92 -6.67 8.90
C VAL A 25 43.96 -6.29 7.85
N PRO A 26 45.16 -6.93 7.87
CA PRO A 26 46.16 -6.61 6.83
C PRO A 26 45.68 -7.12 5.48
N VAL A 27 45.71 -6.24 4.49
CA VAL A 27 45.26 -6.59 3.14
C VAL A 27 46.38 -6.45 2.14
N SER A 28 46.39 -7.31 1.12
CA SER A 28 47.31 -7.16 0.03
C SER A 28 46.53 -7.22 -1.30
N ILE A 29 46.84 -6.30 -2.21
CA ILE A 29 46.16 -6.25 -3.50
C ILE A 29 47.10 -6.65 -4.61
N ILE A 30 46.77 -7.73 -5.32
CA ILE A 30 47.61 -8.23 -6.42
C ILE A 30 46.72 -8.49 -7.60
N ASN A 31 47.07 -8.10 -8.84
N ASN A 31 46.91 -7.52 -8.53
CA ASN A 31 46.29 -8.40 -10.08
CA ASN A 31 46.24 -7.26 -9.78
C ASN A 31 44.79 -8.85 -9.89
C ASN A 31 44.81 -6.92 -9.45
N ASN A 32 43.92 -7.85 -9.69
CA ASN A 32 42.51 -7.82 -9.47
C ASN A 32 41.99 -8.66 -8.33
N THR A 33 42.85 -9.10 -7.41
CA THR A 33 42.41 -9.90 -6.28
C THR A 33 42.82 -9.25 -4.92
N VAL A 34 41.90 -9.28 -3.94
CA VAL A 34 42.12 -8.78 -2.60
C VAL A 34 42.46 -10.00 -1.71
N TYR A 35 43.56 -9.94 -0.96
CA TYR A 35 43.97 -11.01 -0.08
C TYR A 35 44.10 -10.50 1.33
N THR A 36 44.00 -11.38 2.30
CA THR A 36 44.24 -11.05 3.69
C THR A 36 45.16 -12.08 4.29
N LYS A 37 46.01 -11.65 5.20
CA LYS A 37 46.97 -12.55 5.83
C LYS A 37 46.26 -13.33 6.94
N VAL A 38 46.15 -14.65 6.82
CA VAL A 38 45.59 -15.47 7.88
C VAL A 38 46.69 -16.41 8.31
N ASP A 39 47.35 -16.03 9.43
CA ASP A 39 48.47 -16.72 10.07
C ASP A 39 49.61 -16.99 9.11
N GLY A 40 50.16 -15.91 8.58
CA GLY A 40 51.33 -15.99 7.72
C GLY A 40 51.07 -16.12 6.23
N VAL A 41 49.93 -16.70 5.84
CA VAL A 41 49.65 -16.89 4.42
C VAL A 41 48.52 -16.03 3.91
N ASP A 42 48.52 -15.76 2.61
CA ASP A 42 47.47 -14.94 2.01
C ASP A 42 46.26 -15.80 1.67
N VAL A 43 45.08 -15.33 2.07
CA VAL A 43 43.81 -15.98 1.78
C VAL A 43 43.00 -15.04 0.92
N GLU A 44 42.50 -15.51 -0.21
CA GLU A 44 41.74 -14.69 -1.14
C GLU A 44 40.38 -14.31 -0.60
N LEU A 45 40.10 -13.00 -0.61
CA LEU A 45 38.84 -12.46 -0.11
C LEU A 45 37.92 -12.06 -1.25
N PHE A 46 38.46 -11.72 -2.44
CA PHE A 46 37.62 -11.25 -3.52
C PHE A 46 38.43 -11.12 -4.83
N GLU A 47 37.85 -11.58 -5.93
CA GLU A 47 38.44 -11.45 -7.25
C GLU A 47 37.53 -10.49 -8.01
N ASN A 48 38.11 -9.41 -8.48
CA ASN A 48 37.39 -8.39 -9.20
C ASN A 48 37.07 -8.85 -10.59
N LYS A 49 35.77 -8.94 -10.90
CA LYS A 49 35.28 -9.27 -12.23
C LYS A 49 34.61 -8.02 -12.89
N THR A 50 34.70 -6.85 -12.25
CA THR A 50 34.08 -5.61 -12.67
C THR A 50 35.06 -4.75 -13.48
N THR A 51 34.55 -3.65 -14.06
CA THR A 51 35.40 -2.68 -14.75
C THR A 51 35.84 -1.54 -13.79
N LEU A 52 35.58 -1.68 -12.48
CA LEU A 52 35.95 -0.70 -11.47
C LEU A 52 37.31 -1.11 -10.88
N PRO A 53 38.03 -0.19 -10.19
CA PRO A 53 39.29 -0.61 -9.55
C PRO A 53 39.00 -1.69 -8.49
N VAL A 54 39.91 -2.65 -8.34
CA VAL A 54 39.76 -3.79 -7.45
C VAL A 54 39.33 -3.43 -6.01
N ASN A 55 39.94 -2.41 -5.38
CA ASN A 55 39.55 -2.04 -4.00
C ASN A 55 38.18 -1.37 -3.94
N VAL A 56 37.78 -0.70 -5.02
CA VAL A 56 36.49 -0.07 -5.09
C VAL A 56 35.40 -1.13 -5.29
N ALA A 57 35.63 -2.11 -6.17
CA ALA A 57 34.67 -3.19 -6.36
C ALA A 57 34.54 -4.03 -5.10
N PHE A 58 35.65 -4.24 -4.37
CA PHE A 58 35.67 -4.98 -3.12
C PHE A 58 34.73 -4.32 -2.10
N GLU A 59 34.84 -3.01 -1.96
CA GLU A 59 33.99 -2.24 -1.06
C GLU A 59 32.51 -2.31 -1.46
N LEU A 60 32.20 -2.20 -2.75
CA LEU A 60 30.81 -2.27 -3.19
C LEU A 60 30.22 -3.65 -2.99
N TRP A 61 30.99 -4.68 -3.20
CA TRP A 61 30.53 -6.04 -2.99
C TRP A 61 30.30 -6.28 -1.49
N ALA A 62 31.22 -5.85 -0.63
CA ALA A 62 31.04 -6.00 0.82
C ALA A 62 29.80 -5.23 1.30
N LYS A 63 29.50 -4.10 0.68
CA LYS A 63 28.36 -3.27 1.03
C LYS A 63 27.10 -3.58 0.25
N ARG A 64 27.02 -4.77 -0.32
CA ARG A 64 25.84 -5.20 -1.10
C ARG A 64 24.65 -5.39 -0.19
N ASN A 65 23.44 -5.20 -0.76
CA ASN A 65 22.23 -5.43 -0.02
C ASN A 65 22.08 -6.94 0.21
N ILE A 66 21.99 -7.35 1.48
CA ILE A 66 21.83 -8.75 1.84
C ILE A 66 20.38 -9.10 2.24
N LYS A 67 19.43 -8.21 1.96
CA LYS A 67 18.02 -8.48 2.17
C LYS A 67 17.47 -8.89 0.82
N PRO A 68 16.32 -9.57 0.72
CA PRO A 68 15.77 -9.89 -0.62
C PRO A 68 15.51 -8.60 -1.37
N VAL A 69 16.02 -8.49 -2.58
CA VAL A 69 15.85 -7.29 -3.38
C VAL A 69 15.29 -7.63 -4.75
N PRO A 70 14.66 -6.67 -5.45
CA PRO A 70 14.15 -6.96 -6.80
C PRO A 70 15.26 -7.49 -7.72
N GLU A 71 14.96 -8.49 -8.58
CA GLU A 71 15.96 -8.98 -9.54
C GLU A 71 16.37 -7.84 -10.48
N VAL A 72 17.65 -7.79 -10.87
CA VAL A 72 18.21 -6.76 -11.74
C VAL A 72 17.35 -6.50 -12.99
N LYS A 73 16.82 -7.55 -13.66
CA LYS A 73 15.95 -7.39 -14.83
C LYS A 73 14.75 -6.51 -14.54
N ILE A 74 14.15 -6.64 -13.34
CA ILE A 74 13.02 -5.82 -12.91
C ILE A 74 13.47 -4.36 -12.77
N LEU A 75 14.55 -4.13 -12.05
CA LEU A 75 15.09 -2.80 -11.81
C LEU A 75 15.44 -2.12 -13.14
N ASN A 76 15.97 -2.87 -14.10
CA ASN A 76 16.38 -2.36 -15.40
C ASN A 76 15.16 -2.02 -16.23
N ASN A 77 14.16 -2.94 -16.24
CA ASN A 77 12.91 -2.72 -16.97
C ASN A 77 12.16 -1.52 -16.41
N LEU A 78 12.29 -1.25 -15.10
CA LEU A 78 11.69 -0.07 -14.46
C LEU A 78 12.51 1.22 -14.61
N GLY A 79 13.63 1.16 -15.31
CA GLY A 79 14.49 2.30 -15.58
C GLY A 79 15.32 2.82 -14.42
N VAL A 80 15.70 1.95 -13.47
CA VAL A 80 16.49 2.34 -12.30
C VAL A 80 17.94 2.65 -12.67
N ASP A 81 18.43 3.81 -12.25
CA ASP A 81 19.78 4.25 -12.53
C ASP A 81 20.73 4.02 -11.38
N ILE A 82 20.26 4.27 -10.16
CA ILE A 82 21.09 4.25 -8.97
C ILE A 82 20.23 3.85 -7.77
N ALA A 83 20.84 3.30 -6.70
CA ALA A 83 20.07 2.96 -5.51
C ALA A 83 20.36 3.97 -4.38
N ALA A 84 19.39 4.17 -3.49
CA ALA A 84 19.60 5.09 -2.37
C ALA A 84 20.22 4.35 -1.20
N ASN A 85 21.45 4.71 -0.89
CA ASN A 85 22.21 4.25 0.27
C ASN A 85 22.34 2.74 0.40
N THR A 86 22.50 2.05 -0.72
CA THR A 86 22.75 0.60 -0.80
C THR A 86 23.42 0.25 -2.15
N VAL A 87 23.92 -1.00 -2.30
CA VAL A 87 24.49 -1.48 -3.55
C VAL A 87 23.70 -2.71 -3.95
N ILE A 88 23.05 -2.68 -5.12
CA ILE A 88 22.37 -3.87 -5.61
C ILE A 88 23.43 -4.66 -6.38
N TRP A 89 23.91 -5.75 -5.81
CA TRP A 89 24.90 -6.57 -6.48
C TRP A 89 24.26 -7.44 -7.54
N ASP A 90 24.77 -7.35 -8.75
CA ASP A 90 24.32 -8.13 -9.88
C ASP A 90 25.15 -9.41 -9.87
N TYR A 91 24.58 -10.52 -9.41
CA TYR A 91 25.27 -11.79 -9.32
C TYR A 91 25.46 -12.46 -10.68
N LYS A 92 24.65 -12.07 -11.69
CA LYS A 92 24.76 -12.58 -13.05
C LYS A 92 26.01 -11.99 -13.71
N ARG A 93 26.30 -10.72 -13.46
CA ARG A 93 27.49 -10.09 -14.01
C ARG A 93 28.67 -10.06 -13.04
N ASP A 94 28.50 -10.48 -11.76
CA ASP A 94 29.58 -10.38 -10.75
C ASP A 94 30.04 -8.91 -10.59
N ALA A 95 29.09 -7.99 -10.64
CA ALA A 95 29.39 -6.58 -10.60
C ALA A 95 28.26 -5.81 -9.98
N PRO A 96 28.50 -4.54 -9.58
CA PRO A 96 27.39 -3.73 -9.08
C PRO A 96 26.38 -3.51 -10.22
N ALA A 97 25.08 -3.57 -9.93
CA ALA A 97 24.07 -3.37 -10.96
C ALA A 97 24.05 -1.94 -11.50
N HIS A 98 24.54 -0.97 -10.69
CA HIS A 98 24.53 0.43 -11.04
C HIS A 98 25.94 1.01 -11.01
N ILE A 99 26.23 1.93 -11.95
CA ILE A 99 27.55 2.59 -12.09
C ILE A 99 27.95 3.40 -10.84
N SER A 100 27.06 4.26 -10.38
CA SER A 100 27.32 5.17 -9.28
C SER A 100 26.58 4.79 -8.01
N THR A 101 26.97 5.40 -6.91
CA THR A 101 26.30 5.14 -5.64
C THR A 101 25.84 6.45 -4.94
N ILE A 102 24.99 6.31 -3.92
CA ILE A 102 24.54 7.41 -3.08
C ILE A 102 24.79 6.97 -1.65
N GLY A 103 25.69 7.65 -0.98
CA GLY A 103 26.05 7.38 0.41
C GLY A 103 26.58 5.99 0.74
N VAL A 104 27.33 5.38 -0.18
CA VAL A 104 27.90 4.05 -0.04
C VAL A 104 29.46 4.01 -0.02
N CYS A 105 30.10 4.58 -1.03
CA CYS A 105 31.52 4.48 -1.21
C CYS A 105 32.06 5.80 -1.74
N SER A 106 33.09 6.34 -1.11
CA SER A 106 33.61 7.65 -1.50
C SER A 106 34.09 7.72 -2.96
N MET A 107 34.55 6.61 -3.54
CA MET A 107 34.99 6.61 -4.92
C MET A 107 33.85 6.63 -5.91
N THR A 108 32.73 5.93 -5.63
CA THR A 108 31.65 5.85 -6.61
C THR A 108 30.49 6.81 -6.31
N ASP A 109 30.44 7.41 -5.13
CA ASP A 109 29.35 8.29 -4.76
C ASP A 109 29.24 9.54 -5.59
N ILE A 110 28.03 9.84 -6.03
CA ILE A 110 27.73 11.10 -6.70
C ILE A 110 27.07 12.07 -5.71
N ALA A 111 26.57 11.56 -4.56
CA ALA A 111 25.90 12.27 -3.49
C ALA A 111 25.95 11.40 -2.24
N LYS A 112 25.79 12.00 -1.07
CA LYS A 112 25.69 11.26 0.19
C LYS A 112 24.20 10.93 0.49
N LYS A 113 23.27 11.81 0.03
CA LYS A 113 21.84 11.65 0.21
C LYS A 113 21.12 11.78 -1.14
N PRO A 114 20.05 11.00 -1.35
CA PRO A 114 19.32 11.10 -2.63
C PRO A 114 18.60 12.43 -2.86
N THR A 115 18.56 13.31 -1.84
CA THR A 115 17.93 14.62 -1.94
C THR A 115 18.79 15.65 -2.67
N GLU A 116 20.10 15.38 -2.85
CA GLU A 116 21.00 16.29 -3.54
C GLU A 116 20.62 16.35 -5.01
N THR A 117 20.64 17.56 -5.60
CA THR A 117 20.20 17.87 -6.96
C THR A 117 20.76 16.98 -8.06
N ILE A 118 21.96 16.39 -7.88
CA ILE A 118 22.54 15.49 -8.89
C ILE A 118 21.63 14.26 -9.14
N CYS A 119 20.85 13.84 -8.11
CA CYS A 119 19.96 12.68 -8.13
C CYS A 119 18.62 12.96 -8.75
N ALA A 120 18.20 14.24 -8.81
CA ALA A 120 16.87 14.59 -9.32
C ALA A 120 16.58 13.99 -10.69
N PRO A 121 17.47 14.11 -11.69
CA PRO A 121 17.16 13.51 -13.00
C PRO A 121 17.30 11.97 -13.10
N LEU A 122 17.90 11.33 -12.08
CA LEU A 122 18.12 9.89 -12.06
C LEU A 122 16.99 9.14 -11.38
N THR A 123 16.67 7.95 -11.90
CA THR A 123 15.68 7.13 -11.25
C THR A 123 16.35 6.42 -10.06
N VAL A 124 16.09 6.91 -8.86
CA VAL A 124 16.66 6.35 -7.65
C VAL A 124 15.81 5.20 -7.14
N PHE A 125 16.46 4.12 -6.71
CA PHE A 125 15.76 3.00 -6.14
C PHE A 125 15.63 3.23 -4.65
N PHE A 126 14.41 3.19 -4.13
CA PHE A 126 14.10 3.38 -2.71
C PHE A 126 13.51 2.11 -2.17
N ASP A 127 13.92 1.79 -0.93
CA ASP A 127 13.49 0.61 -0.23
C ASP A 127 12.70 1.06 0.97
N GLY A 128 11.40 0.87 0.89
CA GLY A 128 10.45 1.20 1.95
C GLY A 128 10.69 0.48 3.25
N ARG A 129 11.46 -0.61 3.22
CA ARG A 129 11.84 -1.33 4.45
C ARG A 129 12.93 -0.58 5.25
N VAL A 130 13.55 0.45 4.69
CA VAL A 130 14.56 1.27 5.36
C VAL A 130 13.84 2.57 5.77
N ASP A 131 14.01 2.98 7.03
CA ASP A 131 13.40 4.19 7.56
C ASP A 131 13.71 5.43 6.73
N GLY A 132 12.67 6.22 6.42
CA GLY A 132 12.75 7.47 5.68
C GLY A 132 12.80 7.37 4.17
N GLN A 133 12.83 6.15 3.61
CA GLN A 133 12.95 6.00 2.16
C GLN A 133 11.63 6.20 1.40
N VAL A 134 10.45 5.98 2.05
CA VAL A 134 9.19 6.31 1.38
C VAL A 134 9.12 7.84 1.22
N ASP A 135 9.52 8.60 2.26
CA ASP A 135 9.53 10.07 2.22
C ASP A 135 10.48 10.57 1.18
N LEU A 136 11.66 9.96 1.12
CA LEU A 136 12.67 10.31 0.14
C LEU A 136 12.16 10.10 -1.28
N PHE A 137 11.36 9.05 -1.49
CA PHE A 137 10.74 8.78 -2.77
C PHE A 137 9.69 9.86 -3.08
N ARG A 138 8.91 10.29 -2.08
CA ARG A 138 7.92 11.35 -2.27
C ARG A 138 8.57 12.69 -2.69
N ASN A 139 9.81 12.97 -2.21
CA ASN A 139 10.53 14.18 -2.60
C ASN A 139 11.33 14.01 -3.91
N ALA A 140 11.70 12.77 -4.25
CA ALA A 140 12.47 12.45 -5.45
C ALA A 140 11.74 12.82 -6.72
N ARG A 141 12.44 13.43 -7.67
CA ARG A 141 11.84 13.78 -8.94
C ARG A 141 11.62 12.46 -9.73
N ASN A 142 12.62 11.52 -9.68
CA ASN A 142 12.54 10.22 -10.32
C ASN A 142 12.93 9.14 -9.31
N GLY A 143 12.28 8.00 -9.42
CA GLY A 143 12.52 6.91 -8.50
C GLY A 143 11.60 5.72 -8.68
N VAL A 144 12.02 4.62 -8.08
CA VAL A 144 11.26 3.38 -8.03
C VAL A 144 11.25 2.98 -6.57
N LEU A 145 10.07 2.69 -6.03
CA LEU A 145 9.96 2.37 -4.61
C LEU A 145 9.40 0.97 -4.44
N ILE A 146 9.98 0.22 -3.50
CA ILE A 146 9.46 -1.08 -3.15
C ILE A 146 9.04 -1.01 -1.70
N THR A 147 7.86 -1.56 -1.39
CA THR A 147 7.40 -1.64 -0.02
C THR A 147 6.87 -3.04 0.25
N GLU A 148 6.77 -3.39 1.55
CA GLU A 148 6.17 -4.64 1.98
C GLU A 148 4.65 -4.51 2.25
N GLY A 149 4.19 -3.28 2.43
CA GLY A 149 2.79 -2.97 2.66
C GLY A 149 2.36 -1.70 1.94
N SER A 150 1.17 -1.21 2.31
CA SER A 150 0.47 -0.04 1.80
C SER A 150 1.15 1.33 2.12
N VAL A 151 1.17 2.24 1.14
CA VAL A 151 1.68 3.59 1.35
C VAL A 151 0.46 4.48 1.10
N LYS A 152 0.06 5.28 2.10
CA LYS A 152 -1.16 6.09 2.01
C LYS A 152 -1.17 6.99 0.78
N GLY A 153 -2.22 6.84 -0.03
CA GLY A 153 -2.39 7.62 -1.24
C GLY A 153 -1.75 7.04 -2.50
N LEU A 154 -0.67 6.23 -2.36
CA LEU A 154 0.03 5.65 -3.52
C LEU A 154 -0.57 4.38 -4.05
N GLN A 155 -0.99 4.38 -5.31
CA GLN A 155 -1.60 3.18 -5.92
C GLN A 155 -0.51 2.15 -6.21
N PRO A 156 -0.60 0.96 -5.62
CA PRO A 156 0.49 0.00 -5.76
C PRO A 156 0.44 -0.89 -7.00
N SER A 157 1.57 -1.55 -7.24
CA SER A 157 1.70 -2.51 -8.31
C SER A 157 2.30 -3.74 -7.68
N VAL A 158 1.53 -4.82 -7.59
CA VAL A 158 2.04 -6.05 -7.00
C VAL A 158 3.13 -6.63 -7.89
N GLY A 159 4.35 -6.69 -7.38
CA GLY A 159 5.49 -7.19 -8.15
C GLY A 159 5.54 -8.69 -8.24
N PRO A 160 6.66 -9.22 -8.77
CA PRO A 160 6.80 -10.70 -8.84
C PRO A 160 6.87 -11.33 -7.44
N LYS A 161 6.49 -12.60 -7.33
CA LYS A 161 6.54 -13.31 -6.06
C LYS A 161 7.98 -13.49 -5.56
N GLN A 162 8.93 -13.63 -6.50
CA GLN A 162 10.32 -13.88 -6.21
C GLN A 162 11.17 -12.62 -6.14
N ALA A 163 12.23 -12.71 -5.36
CA ALA A 163 13.24 -11.68 -5.21
C ALA A 163 14.62 -12.39 -5.13
N SER A 164 15.70 -11.65 -5.28
CA SER A 164 17.04 -12.19 -5.18
C SER A 164 17.51 -11.96 -3.75
N LEU A 165 17.95 -13.01 -3.06
CA LEU A 165 18.54 -12.87 -1.74
C LEU A 165 19.93 -13.46 -1.83
N ASN A 166 20.95 -12.59 -1.83
CA ASN A 166 22.34 -13.01 -1.95
C ASN A 166 22.64 -13.80 -3.20
N GLY A 167 21.97 -13.47 -4.28
CA GLY A 167 22.16 -14.16 -5.55
C GLY A 167 21.19 -15.29 -5.79
N VAL A 168 20.45 -15.68 -4.76
CA VAL A 168 19.48 -16.76 -4.83
C VAL A 168 18.08 -16.20 -5.11
N THR A 169 17.55 -16.45 -6.30
CA THR A 169 16.20 -16.04 -6.62
C THR A 169 15.28 -17.05 -5.94
N LEU A 170 14.38 -16.55 -5.10
CA LEU A 170 13.47 -17.41 -4.36
C LEU A 170 12.17 -16.71 -4.02
N ILE A 171 11.13 -17.52 -3.74
CA ILE A 171 9.84 -17.05 -3.27
C ILE A 171 9.92 -17.30 -1.78
N GLY A 172 10.00 -16.22 -1.03
CA GLY A 172 10.22 -16.25 0.40
C GLY A 172 9.14 -16.89 1.22
N GLU A 173 9.57 -17.61 2.25
CA GLU A 173 8.69 -18.24 3.22
C GLU A 173 9.04 -17.62 4.57
N ALA A 174 10.32 -17.53 4.92
CA ALA A 174 10.76 -16.89 6.14
C ALA A 174 10.92 -15.37 5.96
N VAL A 175 11.07 -14.92 4.71
CA VAL A 175 11.21 -13.50 4.38
C VAL A 175 10.20 -13.13 3.30
N LYS A 176 9.82 -11.87 3.25
CA LYS A 176 8.88 -11.40 2.25
C LYS A 176 9.66 -11.04 0.99
N THR A 177 9.24 -11.56 -0.16
CA THR A 177 9.91 -11.31 -1.44
C THR A 177 8.95 -10.60 -2.45
N GLN A 178 7.63 -10.58 -2.17
CA GLN A 178 6.69 -9.91 -3.05
C GLN A 178 6.47 -8.49 -2.57
N PHE A 179 6.94 -7.52 -3.36
CA PHE A 179 6.85 -6.10 -3.00
C PHE A 179 5.77 -5.39 -3.82
N ASN A 180 5.41 -4.19 -3.36
CA ASN A 180 4.55 -3.25 -4.04
C ASN A 180 5.55 -2.36 -4.77
N TYR A 181 5.23 -2.00 -5.99
CA TYR A 181 6.09 -1.17 -6.80
C TYR A 181 5.45 0.14 -7.09
N TYR A 182 6.27 1.17 -7.13
CA TYR A 182 5.86 2.55 -7.39
C TYR A 182 6.94 3.19 -8.28
N LYS A 183 6.58 4.09 -9.17
CA LYS A 183 7.54 4.77 -10.04
C LYS A 183 7.18 6.24 -10.18
N LYS A 184 8.18 7.09 -10.34
CA LYS A 184 8.01 8.50 -10.51
C LYS A 184 8.85 8.90 -11.66
N VAL A 185 8.30 9.73 -12.55
CA VAL A 185 9.00 10.22 -13.71
C VAL A 185 8.72 11.70 -13.77
N ASP A 186 9.74 12.55 -13.58
CA ASP A 186 9.60 14.00 -13.65
C ASP A 186 8.67 14.58 -12.58
N GLY A 187 8.72 14.00 -11.39
CA GLY A 187 7.93 14.41 -10.24
C GLY A 187 6.53 13.83 -10.21
N VAL A 188 6.15 13.09 -11.25
CA VAL A 188 4.82 12.54 -11.34
C VAL A 188 4.83 11.05 -11.17
N VAL A 189 4.00 10.56 -10.27
CA VAL A 189 3.85 9.14 -10.01
C VAL A 189 3.29 8.47 -11.28
N GLN A 190 3.90 7.39 -11.72
CA GLN A 190 3.47 6.71 -12.94
C GLN A 190 2.76 5.43 -12.63
N GLN A 191 1.66 5.23 -13.29
CA GLN A 191 0.82 4.06 -13.18
C GLN A 191 1.58 2.94 -13.87
N LEU A 192 2.02 1.92 -13.13
CA LEU A 192 2.74 0.81 -13.73
C LEU A 192 1.76 -0.07 -14.45
N PRO A 193 2.09 -0.44 -15.69
CA PRO A 193 1.17 -1.26 -16.49
C PRO A 193 0.84 -2.61 -15.89
N GLU A 194 -0.25 -3.23 -16.40
CA GLU A 194 -0.62 -4.62 -16.07
C GLU A 194 0.46 -5.46 -16.76
N THR A 195 0.99 -6.47 -16.05
CA THR A 195 2.11 -7.22 -16.58
C THR A 195 2.11 -8.66 -16.17
N TYR A 196 2.73 -9.48 -17.01
CA TYR A 196 3.03 -10.84 -16.63
C TYR A 196 4.43 -10.76 -15.96
N PHE A 197 4.86 -11.83 -15.32
CA PHE A 197 6.17 -11.87 -14.72
C PHE A 197 6.87 -13.14 -15.14
N THR A 198 8.17 -13.04 -15.42
CA THR A 198 8.96 -14.24 -15.74
C THR A 198 9.15 -15.03 -14.43
N GLN A 199 9.34 -16.34 -14.55
CA GLN A 199 9.39 -17.21 -13.38
C GLN A 199 10.80 -17.37 -12.77
N SER A 200 11.84 -16.97 -13.49
CA SER A 200 13.22 -16.99 -12.99
C SER A 200 13.73 -18.37 -12.54
N ARG A 201 13.33 -19.42 -13.26
CA ARG A 201 13.76 -20.78 -12.99
C ARG A 201 15.03 -21.17 -13.75
N ASN A 202 15.71 -22.23 -13.29
CA ASN A 202 16.93 -22.79 -13.89
C ASN A 202 16.57 -24.02 -14.73
N LEU A 203 17.47 -24.40 -15.63
CA LEU A 203 17.28 -25.61 -16.44
C LEU A 203 17.57 -26.86 -15.60
N GLN A 204 18.66 -26.80 -14.79
CA GLN A 204 19.10 -27.91 -13.94
C GLN A 204 18.08 -28.26 -12.85
N GLU A 205 17.39 -27.27 -12.29
CA GLU A 205 16.44 -27.51 -11.22
C GLU A 205 15.05 -26.96 -11.52
N PHE A 206 14.57 -27.14 -12.75
CA PHE A 206 13.28 -26.66 -13.15
C PHE A 206 12.13 -27.37 -12.46
N LYS A 207 11.24 -26.60 -11.82
CA LYS A 207 10.08 -27.16 -11.17
C LYS A 207 8.80 -26.55 -11.72
N PRO A 208 7.80 -27.41 -12.04
CA PRO A 208 6.53 -26.89 -12.54
C PRO A 208 5.74 -26.12 -11.48
N ARG A 209 5.13 -25.00 -11.87
CA ARG A 209 4.38 -24.18 -10.92
C ARG A 209 2.88 -24.15 -11.20
N SER A 210 2.36 -25.16 -11.93
CA SER A 210 0.94 -25.29 -12.24
C SER A 210 0.63 -26.73 -12.71
N GLN A 211 -0.68 -27.10 -12.82
CA GLN A 211 -1.05 -28.42 -13.30
C GLN A 211 -0.71 -28.54 -14.77
N MET A 212 -0.90 -27.48 -15.56
CA MET A 212 -0.52 -27.49 -16.97
C MET A 212 0.98 -27.77 -17.15
N GLU A 213 1.81 -27.18 -16.28
CA GLU A 213 3.26 -27.38 -16.32
C GLU A 213 3.65 -28.79 -15.90
N ILE A 214 2.90 -29.40 -14.98
CA ILE A 214 3.14 -30.78 -14.57
C ILE A 214 2.78 -31.70 -15.75
N ASP A 215 1.61 -31.44 -16.38
CA ASP A 215 1.15 -32.20 -17.55
C ASP A 215 2.09 -32.06 -18.73
N PHE A 216 2.68 -30.87 -18.92
CA PHE A 216 3.63 -30.66 -20.02
C PHE A 216 4.87 -31.53 -19.82
N LEU A 217 5.44 -31.52 -18.61
CA LEU A 217 6.64 -32.29 -18.32
C LEU A 217 6.39 -33.80 -18.27
N GLU A 218 5.19 -34.23 -17.83
CA GLU A 218 4.88 -35.66 -17.70
C GLU A 218 4.29 -36.31 -18.98
N LEU A 219 3.35 -35.65 -19.63
CA LEU A 219 2.69 -36.19 -20.81
C LEU A 219 3.56 -36.20 -22.06
N ALA A 220 3.14 -36.97 -23.08
CA ALA A 220 3.78 -36.95 -24.40
C ALA A 220 3.25 -35.71 -25.15
N MET A 221 4.03 -35.21 -26.13
CA MET A 221 3.71 -34.00 -26.88
C MET A 221 2.27 -33.94 -27.40
N ASP A 222 1.88 -34.89 -28.27
CA ASP A 222 0.57 -34.91 -28.90
C ASP A 222 -0.60 -35.06 -27.91
N GLU A 223 -0.38 -35.66 -26.73
CA GLU A 223 -1.47 -35.79 -25.77
C GLU A 223 -1.57 -34.60 -24.83
N PHE A 224 -0.46 -33.85 -24.60
CA PHE A 224 -0.55 -32.61 -23.81
C PHE A 224 -1.36 -31.59 -24.63
N ILE A 225 -1.03 -31.47 -25.93
CA ILE A 225 -1.67 -30.56 -26.86
C ILE A 225 -3.17 -30.87 -26.98
N GLU A 226 -3.51 -32.18 -26.99
CA GLU A 226 -4.89 -32.66 -27.06
C GLU A 226 -5.64 -32.27 -25.77
N ARG A 227 -5.05 -32.52 -24.60
CA ARG A 227 -5.66 -32.20 -23.31
C ARG A 227 -5.96 -30.69 -23.18
N TYR A 228 -5.01 -29.85 -23.62
CA TYR A 228 -5.13 -28.40 -23.46
C TYR A 228 -5.66 -27.66 -24.67
N LYS A 229 -6.16 -28.40 -25.68
CA LYS A 229 -6.77 -27.84 -26.89
C LYS A 229 -5.85 -26.83 -27.58
N LEU A 230 -4.58 -27.22 -27.76
CA LEU A 230 -3.57 -26.36 -28.36
C LEU A 230 -3.28 -26.70 -29.83
N GLU A 231 -4.25 -27.32 -30.51
CA GLU A 231 -4.12 -27.67 -31.92
C GLU A 231 -4.14 -26.39 -32.75
N GLY A 232 -3.21 -26.27 -33.69
CA GLY A 232 -3.11 -25.10 -34.53
C GLY A 232 -2.29 -23.96 -33.94
N TYR A 233 -1.78 -24.12 -32.70
CA TYR A 233 -0.99 -23.09 -32.04
C TYR A 233 0.52 -23.26 -32.13
N ALA A 234 0.99 -24.20 -32.97
CA ALA A 234 2.39 -24.50 -33.23
C ALA A 234 3.24 -24.74 -31.96
N PHE A 235 2.68 -25.35 -30.91
CA PHE A 235 3.47 -25.64 -29.70
C PHE A 235 4.56 -26.69 -29.96
N GLU A 236 4.35 -27.56 -30.94
CA GLU A 236 5.33 -28.55 -31.39
C GLU A 236 6.63 -27.86 -31.81
N HIS A 237 6.51 -26.70 -32.49
CA HIS A 237 7.65 -25.90 -32.94
C HIS A 237 8.11 -24.92 -31.83
N ILE A 238 7.19 -24.05 -31.34
CA ILE A 238 7.46 -23.01 -30.33
C ILE A 238 7.97 -23.53 -28.97
N VAL A 239 7.22 -24.43 -28.31
CA VAL A 239 7.57 -24.85 -26.97
C VAL A 239 8.39 -26.14 -26.96
N TYR A 240 7.97 -27.13 -27.72
CA TYR A 240 8.68 -28.41 -27.76
C TYR A 240 10.01 -28.30 -28.47
N GLY A 241 10.05 -27.53 -29.55
CA GLY A 241 11.25 -27.39 -30.34
C GLY A 241 11.38 -28.45 -31.40
N ASP A 242 11.90 -28.07 -32.55
CA ASP A 242 12.09 -28.98 -33.67
C ASP A 242 13.59 -29.20 -33.90
N PHE A 243 14.06 -30.43 -33.70
CA PHE A 243 15.47 -30.77 -33.84
C PHE A 243 15.77 -31.57 -35.09
N SER A 244 14.89 -31.51 -36.11
CA SER A 244 15.08 -32.31 -37.32
C SER A 244 15.98 -31.67 -38.39
N HIS A 245 16.11 -30.34 -38.40
CA HIS A 245 16.93 -29.66 -39.40
C HIS A 245 18.21 -29.10 -38.80
N SER A 246 19.14 -28.59 -39.64
CA SER A 246 20.39 -28.04 -39.14
C SER A 246 20.12 -26.84 -38.23
N GLN A 247 19.18 -25.94 -38.63
CA GLN A 247 18.78 -24.87 -37.73
C GLN A 247 17.63 -25.36 -36.83
N LEU A 248 17.87 -25.37 -35.50
CA LEU A 248 16.92 -25.74 -34.45
C LEU A 248 15.69 -24.86 -34.57
N GLY A 249 14.50 -25.47 -34.61
CA GLY A 249 13.27 -24.73 -34.75
C GLY A 249 12.60 -24.43 -33.44
N GLY A 250 12.12 -23.22 -33.29
CA GLY A 250 11.44 -22.78 -32.09
C GLY A 250 12.27 -22.89 -30.84
N LEU A 251 11.71 -23.53 -29.81
CA LEU A 251 12.29 -23.75 -28.48
C LEU A 251 12.52 -22.39 -27.81
N HIS A 252 11.42 -21.67 -27.52
CA HIS A 252 11.50 -20.32 -26.96
C HIS A 252 10.99 -20.20 -25.53
N LEU A 253 10.39 -21.28 -24.97
CA LEU A 253 9.91 -21.27 -23.58
C LEU A 253 10.85 -22.12 -22.77
N LEU A 254 11.27 -21.63 -21.60
CA LEU A 254 12.19 -22.37 -20.75
C LEU A 254 11.69 -23.76 -20.37
N ILE A 255 10.36 -23.90 -20.12
CA ILE A 255 9.80 -25.20 -19.77
C ILE A 255 10.08 -26.29 -20.83
N GLY A 256 10.05 -25.91 -22.12
CA GLY A 256 10.37 -26.84 -23.21
C GLY A 256 11.84 -27.21 -23.26
N LEU A 257 12.72 -26.31 -22.83
CA LEU A 257 14.15 -26.60 -22.74
C LEU A 257 14.39 -27.57 -21.57
N ALA A 258 13.62 -27.41 -20.47
CA ALA A 258 13.68 -28.23 -19.27
C ALA A 258 13.25 -29.66 -19.57
N LYS A 259 12.22 -29.83 -20.43
CA LYS A 259 11.73 -31.13 -20.83
C LYS A 259 12.78 -31.85 -21.68
N ARG A 260 13.38 -31.14 -22.66
CA ARG A 260 14.43 -31.71 -23.50
C ARG A 260 15.65 -32.08 -22.64
N PHE A 261 16.00 -31.26 -21.66
CA PHE A 261 17.15 -31.46 -20.79
C PHE A 261 17.19 -32.82 -20.05
N LYS A 262 16.02 -33.36 -19.67
CA LYS A 262 15.98 -34.66 -18.99
C LYS A 262 16.23 -35.80 -19.97
N GLU A 263 15.78 -35.65 -21.23
CA GLU A 263 16.03 -36.66 -22.24
C GLU A 263 17.49 -36.56 -22.71
N SER A 264 17.88 -35.41 -23.28
CA SER A 264 19.22 -35.23 -23.79
C SER A 264 19.79 -33.86 -23.47
N PRO A 265 21.12 -33.76 -23.33
CA PRO A 265 21.73 -32.47 -22.98
C PRO A 265 22.01 -31.58 -24.18
N PHE A 266 22.26 -30.30 -23.91
CA PHE A 266 22.56 -29.34 -24.95
C PHE A 266 23.34 -28.14 -24.38
N GLU A 267 24.06 -27.43 -25.24
CA GLU A 267 24.83 -26.28 -24.82
C GLU A 267 24.04 -25.02 -25.10
N LEU A 268 23.96 -24.13 -24.10
CA LEU A 268 23.35 -22.81 -24.18
C LEU A 268 24.46 -21.82 -23.96
N GLU A 269 24.93 -21.17 -25.02
CA GLU A 269 25.97 -20.18 -24.88
C GLU A 269 25.33 -18.85 -24.58
N ASP A 270 25.56 -18.36 -23.37
CA ASP A 270 25.03 -17.11 -22.89
C ASP A 270 26.00 -16.00 -23.35
N PHE A 271 25.94 -15.62 -24.64
CA PHE A 271 26.88 -14.66 -25.21
C PHE A 271 26.72 -13.19 -24.71
N ILE A 272 25.63 -12.86 -24.00
CA ILE A 272 25.47 -11.55 -23.35
C ILE A 272 25.07 -11.88 -21.90
N PRO A 273 26.04 -12.24 -21.05
CA PRO A 273 25.70 -12.69 -19.69
C PRO A 273 25.20 -11.60 -18.75
N MET A 274 23.92 -11.35 -18.78
CA MET A 274 23.26 -10.37 -17.94
C MET A 274 21.83 -10.86 -17.64
N ASP A 275 21.21 -10.25 -16.67
CA ASP A 275 19.86 -10.60 -16.29
C ASP A 275 18.92 -9.82 -17.21
N SER A 276 18.01 -10.52 -17.89
CA SER A 276 17.00 -9.90 -18.73
C SER A 276 15.74 -10.75 -18.87
N THR A 277 14.58 -10.11 -19.14
CA THR A 277 13.28 -10.77 -19.31
C THR A 277 13.34 -11.85 -20.35
N VAL A 278 13.98 -11.56 -21.50
CA VAL A 278 14.19 -12.50 -22.57
C VAL A 278 15.67 -12.75 -22.65
N LYS A 279 16.07 -14.02 -22.73
CA LYS A 279 17.47 -14.36 -22.80
C LYS A 279 17.83 -14.91 -24.18
N ASN A 280 18.95 -14.50 -24.75
CA ASN A 280 19.39 -15.00 -26.04
C ASN A 280 20.49 -16.02 -25.85
N TYR A 281 20.34 -17.20 -26.46
CA TYR A 281 21.34 -18.24 -26.34
C TYR A 281 21.78 -18.78 -27.69
N PHE A 282 23.06 -19.17 -27.79
CA PHE A 282 23.54 -19.85 -28.99
C PHE A 282 23.38 -21.30 -28.56
N ILE A 283 22.33 -21.97 -29.04
CA ILE A 283 22.05 -23.34 -28.61
C ILE A 283 22.54 -24.42 -29.57
N THR A 284 23.20 -25.46 -29.04
CA THR A 284 23.65 -26.61 -29.83
C THR A 284 23.07 -27.84 -29.14
N ASP A 285 22.21 -28.59 -29.83
CA ASP A 285 21.62 -29.81 -29.28
C ASP A 285 22.64 -30.96 -29.45
N ALA A 286 23.07 -31.60 -28.35
CA ALA A 286 24.10 -32.65 -28.42
C ALA A 286 23.66 -33.91 -29.13
N GLN A 287 22.41 -34.31 -28.97
CA GLN A 287 21.92 -35.53 -29.58
C GLN A 287 21.84 -35.46 -31.09
N THR A 288 21.17 -34.45 -31.61
CA THR A 288 20.92 -34.32 -33.04
C THR A 288 21.92 -33.46 -33.78
N GLY A 289 22.52 -32.51 -33.10
CA GLY A 289 23.41 -31.57 -33.76
C GLY A 289 22.65 -30.37 -34.33
N SER A 290 21.35 -30.27 -34.05
CA SER A 290 20.55 -29.12 -34.48
C SER A 290 21.02 -27.92 -33.65
N SER A 291 21.25 -26.76 -34.29
CA SER A 291 21.72 -25.58 -33.55
C SER A 291 21.10 -24.27 -34.03
N LYS A 292 21.20 -23.20 -33.23
CA LYS A 292 20.67 -21.89 -33.57
C LYS A 292 21.55 -20.86 -32.86
N CYS A 293 22.09 -19.88 -33.61
CA CYS A 293 22.95 -18.80 -33.13
C CYS A 293 22.26 -17.91 -32.13
N VAL A 294 21.04 -17.50 -32.44
CA VAL A 294 20.28 -16.63 -31.55
C VAL A 294 18.93 -17.23 -31.29
N CYS A 295 18.80 -17.91 -30.14
CA CYS A 295 17.55 -18.53 -29.73
C CYS A 295 17.01 -17.80 -28.53
N SER A 296 16.02 -16.94 -28.73
CA SER A 296 15.42 -16.21 -27.62
C SER A 296 14.60 -17.15 -26.71
N VAL A 297 14.85 -17.13 -25.42
CA VAL A 297 14.19 -17.99 -24.45
C VAL A 297 13.59 -17.14 -23.35
N ILE A 298 12.32 -17.38 -23.03
CA ILE A 298 11.64 -16.67 -21.97
C ILE A 298 11.03 -17.68 -21.00
N ASP A 299 11.12 -17.37 -19.71
CA ASP A 299 10.54 -18.23 -18.71
C ASP A 299 9.20 -17.69 -18.23
N LEU A 300 8.16 -17.98 -18.98
CA LEU A 300 6.82 -17.63 -18.57
C LEU A 300 6.19 -18.88 -18.00
N LEU A 301 5.22 -18.74 -17.09
CA LEU A 301 4.43 -19.89 -16.59
C LEU A 301 3.66 -20.40 -17.84
N LEU A 302 3.64 -21.69 -18.09
CA LEU A 302 3.04 -22.21 -19.32
C LEU A 302 1.60 -21.70 -19.57
N ASP A 303 0.83 -21.55 -18.49
CA ASP A 303 -0.53 -21.03 -18.53
C ASP A 303 -0.54 -19.59 -19.04
N ASP A 304 0.43 -18.78 -18.61
CA ASP A 304 0.56 -17.41 -19.06
C ASP A 304 0.87 -17.36 -20.55
N PHE A 305 1.80 -18.21 -21.02
CA PHE A 305 2.17 -18.25 -22.42
C PHE A 305 0.99 -18.71 -23.29
N VAL A 306 0.24 -19.71 -22.84
CA VAL A 306 -0.96 -20.23 -23.50
C VAL A 306 -2.02 -19.13 -23.59
N GLU A 307 -2.21 -18.36 -22.52
CA GLU A 307 -3.16 -17.25 -22.48
C GLU A 307 -2.76 -16.16 -23.46
N ILE A 308 -1.45 -15.88 -23.58
CA ILE A 308 -0.98 -14.89 -24.53
C ILE A 308 -1.24 -15.34 -25.97
N ILE A 309 -0.81 -16.55 -26.34
CA ILE A 309 -0.94 -17.02 -27.72
C ILE A 309 -2.42 -17.23 -28.09
N LYS A 310 -3.25 -17.71 -27.17
CA LYS A 310 -4.67 -17.89 -27.44
C LYS A 310 -5.46 -16.57 -27.51
N SER A 311 -4.88 -15.46 -27.04
CA SER A 311 -5.53 -14.16 -27.11
C SER A 311 -5.11 -13.37 -28.35
N GLN A 312 -4.57 -14.02 -29.38
CA GLN A 312 -4.13 -13.33 -30.58
C GLN A 312 -5.02 -13.64 -31.78
N ASP A 313 -5.11 -12.71 -32.73
CA ASP A 313 -5.88 -12.93 -33.94
C ASP A 313 -4.95 -13.66 -34.92
N LEU A 314 -5.39 -14.81 -35.42
CA LEU A 314 -4.56 -15.61 -36.32
C LEU A 314 -4.87 -15.38 -37.81
N SER A 315 -5.41 -14.21 -38.16
CA SER A 315 -5.79 -13.89 -39.54
C SER A 315 -4.72 -13.23 -40.41
N VAL A 316 -3.61 -12.74 -39.83
CA VAL A 316 -2.58 -12.06 -40.62
C VAL A 316 -1.32 -12.90 -40.79
N VAL A 317 -0.64 -12.77 -41.94
CA VAL A 317 0.59 -13.49 -42.23
C VAL A 317 1.66 -13.21 -41.17
N SER A 318 1.98 -11.93 -40.90
CA SER A 318 2.98 -11.58 -39.90
C SER A 318 2.67 -10.27 -39.21
N LYS A 319 2.89 -10.22 -37.89
CA LYS A 319 2.66 -9.00 -37.13
C LYS A 319 3.44 -8.98 -35.83
N VAL A 320 3.65 -7.78 -35.27
CA VAL A 320 4.35 -7.63 -34.01
C VAL A 320 3.30 -7.61 -32.91
N VAL A 321 3.42 -8.54 -31.95
CA VAL A 321 2.53 -8.66 -30.80
C VAL A 321 3.30 -8.16 -29.58
N LYS A 322 2.81 -7.10 -28.94
CA LYS A 322 3.46 -6.53 -27.78
C LYS A 322 2.85 -7.03 -26.48
N VAL A 323 3.65 -7.65 -25.60
CA VAL A 323 3.15 -8.20 -24.33
C VAL A 323 3.95 -7.57 -23.20
N THR A 324 3.29 -7.06 -22.15
CA THR A 324 4.01 -6.49 -21.02
C THR A 324 4.43 -7.62 -20.10
N ILE A 325 5.74 -7.84 -20.00
CA ILE A 325 6.34 -8.84 -19.12
C ILE A 325 7.40 -8.14 -18.28
N ASP A 326 7.35 -8.31 -16.95
CA ASP A 326 8.28 -7.69 -16.01
C ASP A 326 8.31 -6.17 -16.12
N TYR A 327 7.14 -5.56 -16.45
CA TYR A 327 6.97 -4.11 -16.63
C TYR A 327 7.48 -3.58 -17.96
N THR A 328 8.13 -4.41 -18.78
CA THR A 328 8.65 -3.97 -20.07
C THR A 328 7.79 -4.51 -21.22
N GLU A 329 7.75 -3.80 -22.34
CA GLU A 329 6.96 -4.27 -23.48
C GLU A 329 7.85 -5.17 -24.33
N ILE A 330 7.53 -6.46 -24.36
CA ILE A 330 8.25 -7.44 -25.15
C ILE A 330 7.54 -7.64 -26.49
N SER A 331 8.26 -7.39 -27.57
CA SER A 331 7.75 -7.60 -28.91
C SER A 331 7.96 -9.07 -29.28
N PHE A 332 6.90 -9.70 -29.76
CA PHE A 332 6.89 -11.07 -30.23
C PHE A 332 6.51 -11.03 -31.69
N MET A 333 7.11 -11.89 -32.49
CA MET A 333 6.76 -11.96 -33.90
C MET A 333 5.76 -13.09 -34.08
N LEU A 334 4.53 -12.78 -34.50
CA LEU A 334 3.52 -13.81 -34.72
C LEU A 334 3.41 -14.09 -36.23
N TRP A 335 3.58 -15.35 -36.62
CA TRP A 335 3.53 -15.73 -38.03
C TRP A 335 2.42 -16.72 -38.20
N CYS A 336 1.39 -16.39 -39.00
CA CYS A 336 0.26 -17.29 -39.20
C CYS A 336 0.06 -17.70 -40.65
N LYS A 337 -0.63 -18.82 -40.85
CA LYS A 337 -0.99 -19.35 -42.17
C LYS A 337 -2.26 -20.12 -42.01
N ASP A 338 -3.25 -19.86 -42.87
CA ASP A 338 -4.56 -20.51 -42.92
C ASP A 338 -5.29 -20.60 -41.56
N GLY A 339 -5.20 -19.53 -40.78
CA GLY A 339 -5.87 -19.48 -39.50
C GLY A 339 -5.16 -20.23 -38.37
N HIS A 340 -3.90 -20.63 -38.59
CA HIS A 340 -3.14 -21.31 -37.56
C HIS A 340 -1.75 -20.68 -37.40
N VAL A 341 -1.19 -20.80 -36.20
CA VAL A 341 0.14 -20.29 -35.91
C VAL A 341 1.18 -21.13 -36.63
N GLU A 342 2.17 -20.47 -37.23
CA GLU A 342 3.32 -21.11 -37.84
C GLU A 342 4.43 -21.02 -36.76
N THR A 343 4.67 -19.80 -36.23
CA THR A 343 5.65 -19.54 -35.16
C THR A 343 5.30 -18.27 -34.36
N PHE A 344 5.75 -18.20 -33.11
CA PHE A 344 5.52 -17.08 -32.22
C PHE A 344 6.75 -17.02 -31.33
N TYR A 345 7.59 -16.01 -31.53
CA TYR A 345 8.85 -15.95 -30.81
C TYR A 345 9.15 -14.57 -30.29
N PRO A 346 9.89 -14.47 -29.18
CA PRO A 346 10.30 -13.14 -28.72
C PRO A 346 11.22 -12.51 -29.76
N LYS A 347 10.70 -11.47 -30.46
CA LYS A 347 11.32 -10.74 -31.57
C LYS A 347 12.72 -10.22 -31.31
N LEU A 348 13.64 -10.66 -32.16
CA LEU A 348 15.07 -10.30 -32.17
C LEU A 348 15.15 -8.93 -32.90
N GLN A 349 15.58 -7.87 -32.19
CA GLN A 349 15.64 -6.50 -32.75
C GLN A 349 16.61 -6.31 -33.93
N ALA B 2 -27.80 -3.14 41.28
CA ALA B 2 -29.13 -2.75 41.78
C ALA B 2 -29.74 -1.69 40.85
N MET B 3 -29.74 -1.99 39.55
CA MET B 3 -30.20 -1.07 38.51
C MET B 3 -31.72 -0.84 38.48
N SER B 4 -32.11 0.42 38.21
CA SER B 4 -33.51 0.83 38.12
C SER B 4 -33.66 2.16 37.39
N LEU B 5 -34.81 2.37 36.77
CA LEU B 5 -35.13 3.59 36.07
C LEU B 5 -35.06 4.80 37.01
N GLU B 6 -35.61 4.67 38.22
CA GLU B 6 -35.63 5.72 39.23
C GLU B 6 -34.24 6.05 39.78
N ASN B 7 -33.35 5.05 39.81
CA ASN B 7 -31.97 5.28 40.24
C ASN B 7 -31.16 5.94 39.14
N VAL B 8 -31.35 5.53 37.89
CA VAL B 8 -30.68 6.16 36.77
C VAL B 8 -31.08 7.65 36.67
N ALA B 9 -32.37 7.95 36.82
CA ALA B 9 -32.88 9.31 36.82
C ALA B 9 -32.32 10.11 37.97
N PHE B 10 -32.18 9.51 39.17
CA PHE B 10 -31.56 10.15 40.33
C PHE B 10 -30.12 10.56 39.97
N ASN B 11 -29.39 9.66 39.32
CA ASN B 11 -28.03 9.92 38.92
C ASN B 11 -27.97 11.03 37.90
N VAL B 12 -28.89 11.06 36.93
CA VAL B 12 -28.93 12.13 35.93
C VAL B 12 -29.15 13.47 36.59
N VAL B 13 -30.21 13.58 37.41
CA VAL B 13 -30.59 14.80 38.13
C VAL B 13 -29.49 15.35 39.05
N ASN B 14 -28.85 14.47 39.84
CA ASN B 14 -27.87 14.89 40.83
C ASN B 14 -26.42 14.92 40.36
N LYS B 15 -26.03 13.97 39.52
CA LYS B 15 -24.65 13.85 39.06
C LYS B 15 -24.40 14.25 37.61
N GLY B 16 -25.45 14.65 36.87
CA GLY B 16 -25.30 15.04 35.47
C GLY B 16 -25.29 13.88 34.49
N HIS B 17 -25.12 12.66 35.01
CA HIS B 17 -25.02 11.40 34.28
C HIS B 17 -25.03 10.23 35.30
N PHE B 18 -24.91 8.99 34.82
CA PHE B 18 -24.90 7.84 35.69
C PHE B 18 -23.54 7.76 36.38
N ASP B 19 -23.54 7.83 37.71
CA ASP B 19 -22.31 7.84 38.51
C ASP B 19 -22.27 6.77 39.63
N GLY B 20 -23.14 5.76 39.54
CA GLY B 20 -23.21 4.68 40.51
C GLY B 20 -23.72 5.09 41.88
N GLN B 21 -24.35 6.26 41.98
CA GLN B 21 -24.86 6.73 43.25
C GLN B 21 -26.16 6.05 43.63
N GLN B 22 -26.47 6.00 44.93
CA GLN B 22 -27.68 5.39 45.42
C GLN B 22 -28.75 6.47 45.52
N GLY B 23 -29.98 6.13 45.23
CA GLY B 23 -31.09 7.07 45.32
C GLY B 23 -32.11 6.86 44.22
N GLU B 24 -33.27 7.47 44.38
CA GLU B 24 -34.34 7.32 43.41
C GLU B 24 -35.10 8.61 43.30
N VAL B 25 -35.49 8.98 42.09
CA VAL B 25 -36.36 10.14 41.89
C VAL B 25 -37.63 9.63 41.19
N PRO B 26 -38.79 10.27 41.42
CA PRO B 26 -40.02 9.82 40.75
C PRO B 26 -39.91 10.12 39.26
N VAL B 27 -40.18 9.12 38.42
CA VAL B 27 -40.08 9.27 36.97
C VAL B 27 -41.43 9.02 36.32
N SER B 28 -41.69 9.72 35.21
CA SER B 28 -42.87 9.44 34.42
C SER B 28 -42.46 9.31 32.95
N ILE B 29 -42.96 8.27 32.28
CA ILE B 29 -42.63 8.04 30.88
C ILE B 29 -43.82 8.28 29.99
N ILE B 30 -43.70 9.28 29.10
CA ILE B 30 -44.79 9.63 28.18
C ILE B 30 -44.22 9.68 26.77
N ASN B 31 -44.89 9.14 25.72
N ASN B 31 -44.64 8.62 26.07
CA ASN B 31 -44.42 9.26 24.30
CA ASN B 31 -44.29 8.17 24.74
C ASN B 31 -42.92 9.70 24.05
C ASN B 31 -42.82 7.85 24.75
N ASN B 32 -42.03 8.72 24.18
CA ASN B 32 -40.59 8.69 24.03
C ASN B 32 -39.83 9.66 24.89
N THR B 33 -40.44 10.26 25.91
CA THR B 33 -39.75 11.20 26.80
C THR B 33 -39.79 10.74 28.28
N VAL B 34 -38.67 10.89 28.98
CA VAL B 34 -38.52 10.60 30.40
C VAL B 34 -38.66 11.93 31.16
N TYR B 35 -39.52 11.98 32.16
CA TYR B 35 -39.71 13.18 32.96
C TYR B 35 -39.47 12.86 34.42
N THR B 36 -39.16 13.88 35.21
CA THR B 36 -39.03 13.73 36.65
C THR B 36 -39.81 14.84 37.33
N LYS B 37 -40.40 14.55 38.47
CA LYS B 37 -41.16 15.55 39.21
C LYS B 37 -40.21 16.43 40.02
N VAL B 38 -40.15 17.73 39.72
CA VAL B 38 -39.34 18.66 40.51
C VAL B 38 -40.33 19.66 41.07
N ASP B 39 -40.67 19.44 42.37
CA ASP B 39 -41.59 20.27 43.15
C ASP B 39 -42.96 20.41 42.51
N GLY B 40 -43.60 19.28 42.26
CA GLY B 40 -44.95 19.23 41.73
C GLY B 40 -45.07 19.16 40.23
N VAL B 41 -44.09 19.70 39.49
CA VAL B 41 -44.17 19.72 38.03
C VAL B 41 -43.20 18.78 37.35
N ASP B 42 -43.53 18.33 36.13
CA ASP B 42 -42.65 17.44 35.39
C ASP B 42 -41.58 18.21 34.65
N VAL B 43 -40.33 17.78 34.77
CA VAL B 43 -39.19 18.36 34.08
C VAL B 43 -38.62 17.29 33.16
N GLU B 44 -38.44 17.62 31.88
CA GLU B 44 -37.92 16.65 30.90
C GLU B 44 -36.46 16.33 31.11
N LEU B 45 -36.15 15.03 31.20
CA LEU B 45 -34.81 14.55 31.41
C LEU B 45 -34.20 13.99 30.14
N PHE B 46 -35.02 13.46 29.21
CA PHE B 46 -34.47 12.83 28.02
C PHE B 46 -35.55 12.54 26.99
N GLU B 47 -35.28 12.84 25.73
CA GLU B 47 -36.19 12.54 24.63
C GLU B 47 -35.48 11.45 23.82
N ASN B 48 -36.13 10.32 23.66
CA ASN B 48 -35.59 9.20 22.93
C ASN B 48 -35.64 9.47 21.44
N LYS B 49 -34.47 9.49 20.83
CA LYS B 49 -34.34 9.64 19.37
C LYS B 49 -33.84 8.33 18.72
N THR B 50 -33.72 7.24 19.51
CA THR B 50 -33.21 5.93 19.12
C THR B 50 -34.35 5.00 18.69
N THR B 51 -33.99 3.82 18.19
CA THR B 51 -34.97 2.80 17.87
C THR B 51 -35.14 1.80 19.04
N LEU B 52 -34.54 2.08 20.22
CA LEU B 52 -34.61 1.27 21.41
C LEU B 52 -35.78 1.76 22.27
N PRO B 53 -36.28 0.95 23.23
CA PRO B 53 -37.34 1.46 24.13
C PRO B 53 -36.82 2.66 24.92
N VAL B 54 -37.69 3.65 25.16
CA VAL B 54 -37.35 4.91 25.82
C VAL B 54 -36.56 4.73 27.13
N ASN B 55 -36.95 3.82 28.02
CA ASN B 55 -36.22 3.64 29.29
C ASN B 55 -34.86 2.99 29.10
N VAL B 56 -34.73 2.16 28.06
CA VAL B 56 -33.48 1.50 27.76
C VAL B 56 -32.49 2.51 27.16
N ALA B 57 -32.96 3.35 26.23
CA ALA B 57 -32.12 4.39 25.64
C ALA B 57 -31.69 5.39 26.69
N PHE B 58 -32.59 5.73 27.65
CA PHE B 58 -32.33 6.65 28.75
C PHE B 58 -31.14 6.15 29.57
N GLU B 59 -31.17 4.87 29.91
CA GLU B 59 -30.11 4.25 30.67
C GLU B 59 -28.79 4.24 29.92
N LEU B 60 -28.79 3.91 28.63
CA LEU B 60 -27.55 3.89 27.85
C LEU B 60 -26.96 5.29 27.68
N TRP B 61 -27.79 6.28 27.52
CA TRP B 61 -27.35 7.65 27.41
C TRP B 61 -26.74 8.12 28.74
N ALA B 62 -27.42 7.84 29.86
CA ALA B 62 -26.89 8.19 31.17
C ALA B 62 -25.54 7.49 31.44
N LYS B 63 -25.38 6.27 30.93
CA LYS B 63 -24.16 5.49 31.11
C LYS B 63 -23.13 5.66 29.99
N ARG B 64 -23.24 6.76 29.24
CA ARG B 64 -22.29 7.05 28.18
C ARG B 64 -20.89 7.35 28.70
N ASN B 65 -19.87 7.07 27.90
CA ASN B 65 -18.51 7.41 28.24
C ASN B 65 -18.36 8.95 28.20
N ILE B 66 -17.96 9.54 29.32
CA ILE B 66 -17.75 10.97 29.42
C ILE B 66 -16.27 11.37 29.38
N LYS B 67 -15.39 10.45 28.99
CA LYS B 67 -13.99 10.75 28.80
C LYS B 67 -13.82 10.95 27.30
N PRO B 68 -12.74 11.61 26.81
CA PRO B 68 -12.55 11.71 25.36
C PRO B 68 -12.43 10.31 24.77
N VAL B 69 -13.21 10.01 23.75
CA VAL B 69 -13.20 8.69 23.13
C VAL B 69 -13.00 8.80 21.63
N PRO B 70 -12.56 7.73 20.95
CA PRO B 70 -12.41 7.81 19.48
C PRO B 70 -13.73 8.18 18.82
N GLU B 71 -13.70 9.02 17.78
CA GLU B 71 -14.93 9.36 17.06
C GLU B 71 -15.55 8.10 16.45
N VAL B 72 -16.90 8.02 16.40
CA VAL B 72 -17.62 6.87 15.88
C VAL B 72 -17.10 6.42 14.49
N LYS B 73 -16.82 7.35 13.56
CA LYS B 73 -16.28 7.02 12.24
C LYS B 73 -14.98 6.18 12.35
N ILE B 74 -14.10 6.50 13.32
CA ILE B 74 -12.88 5.73 13.54
C ILE B 74 -13.22 4.33 14.01
N LEU B 75 -14.06 4.21 15.02
CA LEU B 75 -14.46 2.93 15.57
C LEU B 75 -15.12 2.05 14.51
N ASN B 76 -15.92 2.65 13.64
CA ASN B 76 -16.64 1.95 12.57
C ASN B 76 -15.66 1.49 11.49
N ASN B 77 -14.74 2.38 11.12
CA ASN B 77 -13.71 2.05 10.13
C ASN B 77 -12.80 0.95 10.63
N LEU B 78 -12.57 0.88 11.95
CA LEU B 78 -11.77 -0.18 12.56
C LEU B 78 -12.53 -1.48 12.82
N GLY B 79 -13.80 -1.53 12.45
CA GLY B 79 -14.65 -2.69 12.59
C GLY B 79 -15.11 -3.01 13.98
N VAL B 80 -15.26 -2.00 14.87
CA VAL B 80 -15.71 -2.22 16.25
C VAL B 80 -17.20 -2.58 16.32
N ASP B 81 -17.52 -3.66 17.01
CA ASP B 81 -18.90 -4.11 17.13
C ASP B 81 -19.58 -3.66 18.39
N ILE B 82 -18.81 -3.63 19.48
CA ILE B 82 -19.30 -3.40 20.82
C ILE B 82 -18.16 -2.83 21.66
N ALA B 83 -18.49 -2.21 22.81
CA ALA B 83 -17.45 -1.69 23.70
C ALA B 83 -17.42 -2.50 25.00
N ALA B 84 -16.24 -2.59 25.64
CA ALA B 84 -16.13 -3.31 26.90
C ALA B 84 -16.47 -2.41 28.05
N ASN B 85 -17.58 -2.70 28.72
CA ASN B 85 -18.04 -2.07 29.94
C ASN B 85 -18.21 -0.55 29.88
N THR B 86 -18.67 -0.04 28.75
CA THR B 86 -18.98 1.36 28.50
C THR B 86 -20.01 1.49 27.35
N VAL B 87 -20.57 2.71 27.15
CA VAL B 87 -21.46 2.99 26.03
C VAL B 87 -20.85 4.15 25.27
N ILE B 88 -20.51 3.93 24.00
CA ILE B 88 -20.01 5.01 23.15
C ILE B 88 -21.26 5.67 22.58
N TRP B 89 -21.62 6.85 23.10
CA TRP B 89 -22.78 7.56 22.59
C TRP B 89 -22.44 8.25 21.29
N ASP B 90 -23.24 7.98 20.28
CA ASP B 90 -23.11 8.57 18.95
C ASP B 90 -23.93 9.84 18.99
N TYR B 91 -23.27 11.00 19.13
CA TYR B 91 -23.97 12.28 19.19
C TYR B 91 -24.51 12.75 17.85
N LYS B 92 -23.99 12.21 16.75
CA LYS B 92 -24.46 12.52 15.40
C LYS B 92 -25.81 11.85 15.18
N ARG B 93 -26.00 10.63 15.67
CA ARG B 93 -27.27 9.94 15.55
C ARG B 93 -28.16 10.07 16.77
N ASP B 94 -27.69 10.67 17.90
CA ASP B 94 -28.47 10.75 19.15
C ASP B 94 -28.83 9.35 19.62
N ALA B 95 -27.91 8.40 19.46
CA ALA B 95 -28.15 7.00 19.79
C ALA B 95 -26.89 6.31 20.21
N PRO B 96 -26.98 5.12 20.82
CA PRO B 96 -25.76 4.38 21.14
C PRO B 96 -25.06 3.96 19.85
N ALA B 97 -23.73 4.07 19.79
CA ALA B 97 -22.99 3.70 18.58
C ALA B 97 -23.05 2.22 18.29
N HIS B 98 -23.27 1.40 19.32
CA HIS B 98 -23.30 -0.06 19.19
C HIS B 98 -24.64 -0.63 19.64
N ILE B 99 -25.12 -1.67 18.95
CA ILE B 99 -26.42 -2.30 19.26
C ILE B 99 -26.49 -2.88 20.69
N SER B 100 -25.46 -3.68 21.06
CA SER B 100 -25.41 -4.40 22.32
C SER B 100 -24.38 -3.82 23.25
N THR B 101 -24.45 -4.24 24.51
CA THR B 101 -23.49 -3.80 25.50
C THR B 101 -22.83 -4.99 26.25
N ILE B 102 -21.74 -4.70 26.99
CA ILE B 102 -21.05 -5.66 27.83
C ILE B 102 -20.95 -4.99 29.20
N GLY B 103 -21.62 -5.57 30.19
CA GLY B 103 -21.62 -5.09 31.56
C GLY B 103 -22.12 -3.67 31.81
N VAL B 104 -23.11 -3.21 31.02
CA VAL B 104 -23.67 -1.86 31.12
C VAL B 104 -25.16 -1.81 31.52
N CYS B 105 -26.03 -2.51 30.80
CA CYS B 105 -27.47 -2.43 30.96
C CYS B 105 -28.06 -3.80 30.76
N SER B 106 -28.89 -4.24 31.70
CA SER B 106 -29.46 -5.57 31.66
C SER B 106 -30.26 -5.86 30.40
N MET B 107 -30.89 -4.85 29.79
CA MET B 107 -31.67 -5.06 28.57
C MET B 107 -30.81 -5.24 27.34
N THR B 108 -29.69 -4.53 27.23
CA THR B 108 -28.87 -4.61 26.03
C THR B 108 -27.66 -5.51 26.16
N ASP B 109 -27.29 -5.92 27.38
CA ASP B 109 -26.11 -6.76 27.60
C ASP B 109 -26.17 -8.12 26.96
N ILE B 110 -25.11 -8.49 26.27
CA ILE B 110 -24.95 -9.85 25.76
C ILE B 110 -24.01 -10.65 26.69
N ALA B 111 -23.26 -9.97 27.57
CA ALA B 111 -22.31 -10.50 28.52
C ALA B 111 -22.06 -9.45 29.60
N LYS B 112 -21.58 -9.87 30.76
CA LYS B 112 -21.17 -8.95 31.82
C LYS B 112 -19.67 -8.59 31.66
N LYS B 113 -18.86 -9.53 31.12
CA LYS B 113 -17.44 -9.36 30.90
C LYS B 113 -17.08 -9.69 29.45
N PRO B 114 -16.12 -8.95 28.85
CA PRO B 114 -15.74 -9.27 27.46
C PRO B 114 -15.06 -10.63 27.26
N THR B 115 -14.75 -11.34 28.34
CA THR B 115 -14.13 -12.66 28.26
C THR B 115 -15.12 -13.78 27.96
N GLU B 116 -16.43 -13.53 28.08
CA GLU B 116 -17.46 -14.53 27.79
C GLU B 116 -17.47 -14.83 26.31
N THR B 117 -17.62 -16.12 25.93
CA THR B 117 -17.51 -16.63 24.56
C THR B 117 -18.37 -15.92 23.53
N ILE B 118 -19.50 -15.28 23.91
CA ILE B 118 -20.33 -14.53 22.96
C ILE B 118 -19.55 -13.38 22.31
N CYS B 119 -18.55 -12.81 23.04
CA CYS B 119 -17.70 -11.68 22.63
C CYS B 119 -16.53 -12.09 21.75
N ALA B 120 -16.13 -13.38 21.80
CA ALA B 120 -14.98 -13.87 21.04
C ALA B 120 -15.02 -13.50 19.56
N PRO B 121 -16.13 -13.73 18.82
CA PRO B 121 -16.14 -13.35 17.41
C PRO B 121 -16.33 -11.85 17.12
N LEU B 122 -16.68 -11.04 18.13
CA LEU B 122 -16.93 -9.60 17.98
C LEU B 122 -15.70 -8.77 18.23
N THR B 123 -15.53 -7.68 17.47
CA THR B 123 -14.42 -6.76 17.73
C THR B 123 -14.78 -5.85 18.89
N VAL B 124 -14.30 -6.23 20.09
CA VAL B 124 -14.54 -5.50 21.33
C VAL B 124 -13.62 -4.26 21.46
N PHE B 125 -14.18 -3.11 21.83
CA PHE B 125 -13.39 -1.90 22.01
C PHE B 125 -12.88 -1.89 23.43
N PHE B 126 -11.57 -1.76 23.60
CA PHE B 126 -10.90 -1.73 24.90
C PHE B 126 -10.23 -0.40 25.08
N ASP B 127 -10.34 0.13 26.30
CA ASP B 127 -9.79 1.41 26.68
C ASP B 127 -8.70 1.16 27.71
N GLY B 128 -7.47 1.32 27.28
CA GLY B 128 -6.26 1.17 28.08
C GLY B 128 -6.21 2.10 29.28
N ARG B 129 -7.03 3.17 29.29
CA ARG B 129 -7.10 4.07 30.43
C ARG B 129 -7.93 3.47 31.60
N VAL B 130 -8.64 2.36 31.37
CA VAL B 130 -9.40 1.65 32.39
C VAL B 130 -8.55 0.45 32.80
N ASP B 131 -8.38 0.25 34.12
CA ASP B 131 -7.60 -0.86 34.65
C ASP B 131 -8.06 -2.21 34.12
N GLY B 132 -7.09 -3.02 33.67
CA GLY B 132 -7.32 -4.38 33.20
C GLY B 132 -7.67 -4.55 31.74
N GLN B 133 -8.06 -3.46 31.06
CA GLN B 133 -8.50 -3.54 29.67
C GLN B 133 -7.38 -3.84 28.67
N VAL B 134 -6.13 -3.48 28.99
CA VAL B 134 -5.00 -3.84 28.11
C VAL B 134 -4.84 -5.37 28.13
N ASP B 135 -4.91 -5.98 29.33
CA ASP B 135 -4.83 -7.43 29.47
C ASP B 135 -6.03 -8.11 28.84
N LEU B 136 -7.25 -7.54 29.00
CA LEU B 136 -8.46 -8.11 28.36
C LEU B 136 -8.30 -8.12 26.83
N PHE B 137 -7.67 -7.09 26.26
CA PHE B 137 -7.40 -7.03 24.84
C PHE B 137 -6.40 -8.11 24.43
N ARG B 138 -5.36 -8.30 25.24
CA ARG B 138 -4.33 -9.32 25.00
C ARG B 138 -4.93 -10.70 24.93
N ASN B 139 -5.94 -10.98 25.77
CA ASN B 139 -6.59 -12.29 25.82
C ASN B 139 -7.75 -12.42 24.83
N ALA B 140 -8.29 -11.29 24.33
CA ALA B 140 -9.41 -11.32 23.39
C ALA B 140 -8.99 -11.73 22.01
N ARG B 141 -9.89 -12.45 21.34
CA ARG B 141 -9.65 -12.94 20.00
C ARG B 141 -9.72 -11.78 19.02
N ASN B 142 -10.76 -10.93 19.16
CA ASN B 142 -11.00 -9.78 18.32
C ASN B 142 -11.19 -8.54 19.17
N GLY B 143 -10.51 -7.46 18.79
CA GLY B 143 -10.59 -6.22 19.54
C GLY B 143 -9.82 -5.05 19.00
N VAL B 144 -10.16 -3.85 19.47
CA VAL B 144 -9.47 -2.61 19.14
C VAL B 144 -9.11 -1.97 20.46
N LEU B 145 -7.84 -1.59 20.63
CA LEU B 145 -7.38 -1.03 21.90
C LEU B 145 -6.86 0.38 21.71
N ILE B 146 -7.22 1.26 22.63
CA ILE B 146 -6.67 2.60 22.64
C ILE B 146 -5.90 2.78 23.91
N THR B 147 -4.72 3.38 23.83
CA THR B 147 -3.92 3.69 25.01
C THR B 147 -3.43 5.13 24.91
N GLU B 148 -3.06 5.73 26.04
CA GLU B 148 -2.45 7.05 26.02
C GLU B 148 -0.94 6.92 25.80
N GLY B 149 -0.33 5.84 26.29
CA GLY B 149 1.10 5.60 26.15
C GLY B 149 1.43 4.26 25.52
N SER B 150 2.69 3.83 25.70
CA SER B 150 3.16 2.57 25.11
C SER B 150 2.69 1.31 25.84
N VAL B 151 2.55 0.22 25.07
CA VAL B 151 2.12 -1.10 25.49
C VAL B 151 3.24 -2.05 25.16
N LYS B 152 3.80 -2.73 26.16
CA LYS B 152 4.91 -3.67 25.99
C LYS B 152 4.60 -4.74 24.95
N GLY B 153 5.48 -4.86 23.97
CA GLY B 153 5.32 -5.85 22.91
C GLY B 153 4.60 -5.36 21.68
N LEU B 154 3.48 -4.66 21.87
CA LEU B 154 2.66 -4.19 20.76
C LEU B 154 3.18 -2.93 20.10
N GLN B 155 3.27 -2.95 18.77
CA GLN B 155 3.69 -1.81 17.98
C GLN B 155 2.47 -0.90 17.78
N PRO B 156 2.58 0.39 18.15
CA PRO B 156 1.41 1.26 18.10
C PRO B 156 1.13 1.90 16.76
N SER B 157 -0.10 2.37 16.59
CA SER B 157 -0.52 3.12 15.42
C SER B 157 -1.01 4.43 16.00
N VAL B 158 -0.35 5.55 15.70
CA VAL B 158 -0.72 6.86 16.22
C VAL B 158 -2.05 7.30 15.60
N GLY B 159 -3.08 7.43 16.41
CA GLY B 159 -4.40 7.79 15.91
C GLY B 159 -4.53 9.27 15.62
N PRO B 160 -5.76 9.72 15.33
CA PRO B 160 -5.96 11.16 15.07
C PRO B 160 -5.69 12.00 16.33
N LYS B 161 -5.34 13.28 16.15
CA LYS B 161 -5.09 14.18 17.28
C LYS B 161 -6.36 14.43 18.10
N GLN B 162 -7.52 14.42 17.43
CA GLN B 162 -8.81 14.72 18.04
C GLN B 162 -9.57 13.50 18.52
N ALA B 163 -10.40 13.72 19.50
CA ALA B 163 -11.31 12.72 20.06
C ALA B 163 -12.64 13.45 20.38
N SER B 164 -13.70 12.69 20.64
CA SER B 164 -14.99 13.25 20.98
C SER B 164 -15.10 13.25 22.50
N LEU B 165 -15.38 14.39 23.11
CA LEU B 165 -15.61 14.48 24.54
C LEU B 165 -16.99 15.06 24.71
N ASN B 166 -17.95 14.21 25.10
CA ASN B 166 -19.34 14.63 25.29
C ASN B 166 -19.97 15.20 24.04
N GLY B 167 -19.57 14.69 22.89
CA GLY B 167 -20.08 15.15 21.62
C GLY B 167 -19.27 16.24 20.98
N VAL B 168 -18.31 16.80 21.71
CA VAL B 168 -17.43 17.84 21.22
C VAL B 168 -16.12 17.24 20.70
N THR B 169 -15.92 17.29 19.40
CA THR B 169 -14.68 16.82 18.81
C THR B 169 -13.64 17.91 19.05
N LEU B 170 -12.55 17.55 19.72
CA LEU B 170 -11.52 18.52 20.05
C LEU B 170 -10.15 17.88 20.17
N ILE B 171 -9.11 18.71 20.06
CA ILE B 171 -7.72 18.31 20.27
C ILE B 171 -7.45 18.81 21.68
N GLY B 172 -7.29 17.86 22.58
CA GLY B 172 -7.15 18.11 23.99
C GLY B 172 -5.91 18.87 24.38
N GLU B 173 -6.07 19.74 25.36
CA GLU B 173 -4.98 20.47 25.95
C GLU B 173 -4.94 20.07 27.43
N ALA B 174 -6.11 20.07 28.10
CA ALA B 174 -6.20 19.62 29.48
C ALA B 174 -6.33 18.09 29.59
N VAL B 175 -6.76 17.43 28.51
CA VAL B 175 -6.94 15.98 28.43
C VAL B 175 -6.24 15.47 27.20
N LYS B 176 -5.80 14.21 27.24
CA LYS B 176 -5.18 13.62 26.08
C LYS B 176 -6.29 13.11 25.18
N THR B 177 -6.16 13.41 23.88
CA THR B 177 -7.11 12.96 22.85
C THR B 177 -6.42 12.12 21.77
N GLN B 178 -5.06 12.13 21.69
CA GLN B 178 -4.36 11.32 20.70
C GLN B 178 -3.97 9.99 21.31
N PHE B 179 -4.59 8.91 20.81
CA PHE B 179 -4.37 7.57 21.32
C PHE B 179 -3.51 6.75 20.39
N ASN B 180 -2.99 5.65 20.96
CA ASN B 180 -2.30 4.62 20.22
C ASN B 180 -3.40 3.62 19.91
N TYR B 181 -3.37 3.06 18.72
CA TYR B 181 -4.35 2.10 18.27
C TYR B 181 -3.71 0.77 18.05
N TYR B 182 -4.46 -0.27 18.40
CA TYR B 182 -4.08 -1.65 18.26
C TYR B 182 -5.32 -2.41 17.80
N LYS B 183 -5.14 -3.47 17.03
CA LYS B 183 -6.27 -4.25 16.54
C LYS B 183 -5.87 -5.68 16.41
N LYS B 184 -6.72 -6.57 16.87
CA LYS B 184 -6.49 -7.99 16.79
C LYS B 184 -7.65 -8.62 16.11
N VAL B 185 -7.35 -9.48 15.14
CA VAL B 185 -8.31 -10.24 14.38
C VAL B 185 -7.90 -11.71 14.53
N ASP B 186 -8.82 -12.56 14.97
CA ASP B 186 -8.60 -14.01 15.14
C ASP B 186 -7.39 -14.39 16.00
N GLY B 187 -7.05 -13.54 16.97
CA GLY B 187 -5.95 -13.74 17.88
C GLY B 187 -4.65 -13.07 17.49
N VAL B 188 -4.55 -12.63 16.21
CA VAL B 188 -3.34 -12.01 15.64
C VAL B 188 -3.36 -10.49 15.71
N VAL B 189 -2.32 -9.90 16.34
CA VAL B 189 -2.18 -8.45 16.43
C VAL B 189 -1.88 -7.94 15.02
N GLN B 190 -2.76 -7.12 14.50
CA GLN B 190 -2.64 -6.59 13.16
C GLN B 190 -1.64 -5.47 13.08
N GLN B 191 -1.18 -5.25 11.86
CA GLN B 191 -0.35 -4.11 11.56
C GLN B 191 -1.33 -3.17 10.85
N LEU B 192 -1.78 -2.12 11.54
CA LEU B 192 -2.74 -1.20 10.96
C LEU B 192 -2.11 -0.45 9.82
N PRO B 193 -2.89 -0.17 8.75
CA PRO B 193 -2.28 0.50 7.58
C PRO B 193 -1.83 1.92 7.86
N GLU B 194 -1.00 2.45 6.95
CA GLU B 194 -0.58 3.85 6.88
C GLU B 194 -1.87 4.60 6.53
N THR B 195 -2.17 5.72 7.18
CA THR B 195 -3.42 6.39 6.94
C THR B 195 -3.36 7.87 7.13
N TYR B 196 -4.19 8.58 6.38
CA TYR B 196 -4.41 9.99 6.62
C TYR B 196 -5.57 10.02 7.66
N PHE B 197 -5.84 11.18 8.22
CA PHE B 197 -6.96 11.34 9.13
C PHE B 197 -7.77 12.52 8.73
N THR B 198 -9.11 12.40 8.82
CA THR B 198 -9.97 13.55 8.57
C THR B 198 -9.83 14.50 9.76
N GLN B 199 -10.06 15.80 9.55
CA GLN B 199 -9.81 16.81 10.57
C GLN B 199 -11.01 17.09 11.50
N SER B 200 -12.21 16.62 11.13
CA SER B 200 -13.41 16.74 11.94
C SER B 200 -13.80 18.17 12.33
N ARG B 201 -13.59 19.13 11.45
CA ARG B 201 -13.94 20.51 11.69
C ARG B 201 -15.38 20.84 11.26
N ASN B 202 -15.89 21.99 11.76
CA ASN B 202 -17.23 22.52 11.46
C ASN B 202 -17.10 23.61 10.41
N LEU B 203 -18.20 23.91 9.74
CA LEU B 203 -18.25 24.98 8.77
C LEU B 203 -18.32 26.33 9.50
N GLN B 204 -19.15 26.42 10.57
CA GLN B 204 -19.34 27.63 11.37
C GLN B 204 -18.06 28.11 12.08
N GLU B 205 -17.24 27.17 12.55
CA GLU B 205 -16.04 27.53 13.29
C GLU B 205 -14.79 26.89 12.70
N PHE B 206 -14.66 26.91 11.38
CA PHE B 206 -13.50 26.32 10.73
C PHE B 206 -12.20 27.05 11.01
N LYS B 207 -11.21 26.33 11.48
CA LYS B 207 -9.90 26.89 11.75
C LYS B 207 -8.80 26.19 10.93
N PRO B 208 -7.92 27.00 10.29
CA PRO B 208 -6.83 26.39 9.53
C PRO B 208 -5.79 25.73 10.42
N ARG B 209 -5.29 24.55 10.01
CA ARG B 209 -4.31 23.83 10.79
C ARG B 209 -2.93 23.74 10.12
N SER B 210 -2.66 24.65 9.18
CA SER B 210 -1.36 24.72 8.49
C SER B 210 -1.20 26.09 7.81
N GLN B 211 0.01 26.42 7.31
CA GLN B 211 0.24 27.67 6.60
C GLN B 211 -0.49 27.63 5.26
N MET B 212 -0.51 26.47 4.58
CA MET B 212 -1.25 26.33 3.34
C MET B 212 -2.75 26.62 3.53
N GLU B 213 -3.31 26.16 4.65
CA GLU B 213 -4.71 26.39 4.97
C GLU B 213 -5.00 27.84 5.32
N ILE B 214 -4.02 28.54 5.92
CA ILE B 214 -4.16 29.96 6.23
C ILE B 214 -4.15 30.72 4.90
N ASP B 215 -3.19 30.37 4.01
CA ASP B 215 -3.06 30.99 2.68
C ASP B 215 -4.28 30.73 1.81
N PHE B 216 -4.90 29.54 1.93
CA PHE B 216 -6.10 29.23 1.17
C PHE B 216 -7.25 30.15 1.59
N LEU B 217 -7.47 30.28 2.90
CA LEU B 217 -8.55 31.11 3.41
C LEU B 217 -8.32 32.63 3.22
N GLU B 218 -7.05 33.07 3.26
CA GLU B 218 -6.73 34.49 3.12
C GLU B 218 -6.54 34.98 1.67
N LEU B 219 -5.83 34.22 0.87
CA LEU B 219 -5.50 34.59 -0.50
C LEU B 219 -6.62 34.41 -1.53
N ALA B 220 -6.54 35.13 -2.65
CA ALA B 220 -7.50 34.96 -3.74
C ALA B 220 -7.17 33.63 -4.47
N MET B 221 -8.18 33.04 -5.13
CA MET B 221 -8.06 31.75 -5.79
C MET B 221 -6.82 31.59 -6.66
N ASP B 222 -6.69 32.42 -7.71
CA ASP B 222 -5.59 32.33 -8.66
C ASP B 222 -4.21 32.57 -8.06
N GLU B 223 -4.11 33.32 -6.94
CA GLU B 223 -2.80 33.55 -6.32
C GLU B 223 -2.44 32.47 -5.31
N PHE B 224 -3.44 31.78 -4.70
CA PHE B 224 -3.12 30.64 -3.83
C PHE B 224 -2.56 29.51 -4.69
N ILE B 225 -3.23 29.23 -5.83
CA ILE B 225 -2.86 28.20 -6.79
C ILE B 225 -1.46 28.46 -7.35
N GLU B 226 -1.15 29.75 -7.60
CA GLU B 226 0.15 30.19 -8.10
C GLU B 226 1.23 29.93 -7.05
N ARG B 227 0.98 30.34 -5.79
CA ARG B 227 1.93 30.14 -4.68
C ARG B 227 2.26 28.66 -4.46
N TYR B 228 1.24 27.81 -4.51
CA TYR B 228 1.40 26.38 -4.22
C TYR B 228 1.59 25.48 -5.45
N LYS B 229 1.81 26.08 -6.64
CA LYS B 229 2.04 25.37 -7.89
C LYS B 229 0.99 24.31 -8.17
N LEU B 230 -0.29 24.70 -8.05
CA LEU B 230 -1.43 23.79 -8.24
C LEU B 230 -2.11 23.96 -9.60
N GLU B 231 -1.39 24.49 -10.60
CA GLU B 231 -1.91 24.67 -11.94
C GLU B 231 -2.09 23.28 -12.58
N GLY B 232 -3.24 23.07 -13.22
CA GLY B 232 -3.55 21.80 -13.86
C GLY B 232 -4.14 20.75 -12.93
N TYR B 233 -4.30 21.08 -11.64
CA TYR B 233 -4.87 20.15 -10.65
C TYR B 233 -6.35 20.37 -10.36
N ALA B 234 -7.02 21.20 -11.16
CA ALA B 234 -8.44 21.53 -11.06
C ALA B 234 -8.92 21.93 -9.66
N PHE B 235 -8.10 22.67 -8.88
CA PHE B 235 -8.52 23.12 -7.55
C PHE B 235 -9.65 24.15 -7.63
N GLU B 236 -9.72 24.89 -8.72
CA GLU B 236 -10.78 25.85 -9.02
C GLU B 236 -12.15 25.15 -8.98
N HIS B 237 -12.20 23.91 -9.53
CA HIS B 237 -13.41 23.09 -9.55
C HIS B 237 -13.53 22.26 -8.26
N ILE B 238 -12.53 21.44 -7.92
CA ILE B 238 -12.52 20.54 -6.76
C ILE B 238 -12.65 21.22 -5.40
N VAL B 239 -11.76 22.18 -5.07
CA VAL B 239 -11.74 22.77 -3.75
C VAL B 239 -12.53 24.06 -3.68
N TYR B 240 -12.33 24.95 -4.63
CA TYR B 240 -13.04 26.22 -4.64
C TYR B 240 -14.51 26.08 -4.96
N GLY B 241 -14.82 25.18 -5.88
CA GLY B 241 -16.20 24.98 -6.30
C GLY B 241 -16.59 25.91 -7.42
N ASP B 242 -17.41 25.41 -8.34
CA ASP B 242 -17.88 26.19 -9.47
C ASP B 242 -19.39 26.40 -9.32
N PHE B 243 -19.80 27.65 -9.17
CA PHE B 243 -21.20 28.00 -8.97
C PHE B 243 -21.81 28.67 -10.20
N SER B 244 -21.23 28.48 -11.39
CA SER B 244 -21.73 29.14 -12.60
C SER B 244 -22.86 28.38 -13.32
N HIS B 245 -22.97 27.06 -13.13
CA HIS B 245 -24.02 26.28 -13.80
C HIS B 245 -25.09 25.82 -12.83
N SER B 246 -26.20 25.24 -13.34
CA SER B 246 -27.28 24.76 -12.47
C SER B 246 -26.78 23.68 -11.53
N GLN B 247 -25.96 22.71 -12.05
CA GLN B 247 -25.34 21.74 -11.15
C GLN B 247 -24.01 22.33 -10.63
N LEU B 248 -23.90 22.47 -9.30
CA LEU B 248 -22.71 22.96 -8.58
C LEU B 248 -21.54 22.06 -8.91
N GLY B 249 -20.43 22.64 -9.32
CA GLY B 249 -19.25 21.87 -9.68
C GLY B 249 -18.27 21.71 -8.56
N GLY B 250 -17.76 20.51 -8.40
CA GLY B 250 -16.78 20.19 -7.38
C GLY B 250 -17.28 20.46 -5.97
N LEU B 251 -16.46 21.22 -5.21
CA LEU B 251 -16.68 21.59 -3.81
C LEU B 251 -16.72 20.32 -2.95
N HIS B 252 -15.57 19.62 -2.87
CA HIS B 252 -15.49 18.35 -2.17
C HIS B 252 -14.60 18.36 -0.92
N LEU B 253 -13.91 19.49 -0.69
CA LEU B 253 -13.05 19.60 0.46
C LEU B 253 -13.68 20.59 1.44
N LEU B 254 -13.84 20.23 2.72
CA LEU B 254 -14.49 21.09 3.69
C LEU B 254 -13.90 22.51 3.76
N ILE B 255 -12.57 22.65 3.65
CA ILE B 255 -11.94 23.97 3.67
C ILE B 255 -12.52 24.93 2.60
N GLY B 256 -12.83 24.43 1.41
CA GLY B 256 -13.44 25.22 0.35
C GLY B 256 -14.89 25.60 0.63
N LEU B 257 -15.61 24.76 1.38
CA LEU B 257 -16.96 25.08 1.82
C LEU B 257 -16.89 26.19 2.89
N ALA B 258 -15.86 26.15 3.76
CA ALA B 258 -15.60 27.12 4.82
C ALA B 258 -15.30 28.49 4.24
N LYS B 259 -14.52 28.53 3.13
CA LYS B 259 -14.17 29.76 2.46
C LYS B 259 -15.42 30.41 1.83
N ARG B 260 -16.25 29.61 1.16
CA ARG B 260 -17.49 30.09 0.57
C ARG B 260 -18.43 30.60 1.66
N PHE B 261 -18.50 29.90 2.78
CA PHE B 261 -19.39 30.23 3.90
C PHE B 261 -19.24 31.67 4.45
N LYS B 262 -18.02 32.22 4.45
CA LYS B 262 -17.83 33.60 4.93
C LYS B 262 -18.35 34.61 3.92
N GLU B 263 -18.24 34.30 2.62
CA GLU B 263 -18.75 35.20 1.59
C GLU B 263 -20.27 35.07 1.53
N SER B 264 -20.78 33.87 1.22
CA SER B 264 -22.23 33.67 1.11
C SER B 264 -22.67 32.35 1.71
N PRO B 265 -23.92 32.29 2.19
CA PRO B 265 -24.39 31.06 2.84
C PRO B 265 -24.96 30.04 1.88
N PHE B 266 -25.13 28.81 2.35
CA PHE B 266 -25.68 27.73 1.54
C PHE B 266 -26.27 26.65 2.43
N GLU B 267 -27.18 25.84 1.87
CA GLU B 267 -27.79 24.75 2.62
C GLU B 267 -27.09 23.45 2.30
N LEU B 268 -26.74 22.68 3.35
CA LEU B 268 -26.15 21.35 3.27
C LEU B 268 -27.15 20.42 3.88
N GLU B 269 -27.87 19.65 3.06
CA GLU B 269 -28.82 18.70 3.59
C GLU B 269 -28.12 17.40 3.87
N ASP B 270 -28.01 17.08 5.14
CA ASP B 270 -27.35 15.87 5.63
C ASP B 270 -28.40 14.73 5.57
N PHE B 271 -28.65 14.19 4.37
CA PHE B 271 -29.70 13.19 4.19
C PHE B 271 -29.41 11.79 4.79
N ILE B 272 -28.17 11.53 5.24
CA ILE B 272 -27.82 10.31 5.97
C ILE B 272 -27.06 10.79 7.19
N PRO B 273 -27.78 11.28 8.22
CA PRO B 273 -27.09 11.85 9.38
C PRO B 273 -26.36 10.85 10.27
N MET B 274 -25.12 10.58 9.92
CA MET B 274 -24.26 9.68 10.67
C MET B 274 -22.80 10.17 10.56
N ASP B 275 -21.94 9.67 11.41
CA ASP B 275 -20.54 10.02 11.39
C ASP B 275 -19.87 9.11 10.38
N SER B 276 -19.18 9.72 9.42
CA SER B 276 -18.42 8.98 8.42
C SER B 276 -17.26 9.80 7.84
N THR B 277 -16.20 9.11 7.38
CA THR B 277 -15.00 9.72 6.80
C THR B 277 -15.35 10.70 5.67
N VAL B 278 -16.24 10.26 4.77
CA VAL B 278 -16.76 11.08 3.70
C VAL B 278 -18.23 11.34 3.98
N LYS B 279 -18.66 12.58 3.83
CA LYS B 279 -20.03 12.97 4.08
C LYS B 279 -20.74 13.36 2.80
N ASN B 280 -21.97 12.91 2.59
CA ASN B 280 -22.73 13.29 1.39
C ASN B 280 -23.75 14.34 1.74
N TYR B 281 -23.76 15.43 0.97
CA TYR B 281 -24.73 16.52 1.21
C TYR B 281 -25.49 16.91 -0.02
N PHE B 282 -26.76 17.30 0.16
CA PHE B 282 -27.55 17.84 -0.94
C PHE B 282 -27.32 19.33 -0.75
N ILE B 283 -26.45 19.92 -1.55
CA ILE B 283 -26.08 21.33 -1.38
C ILE B 283 -26.83 22.31 -2.30
N THR B 284 -27.35 23.42 -1.74
CA THR B 284 -27.99 24.47 -2.51
C THR B 284 -27.27 25.77 -2.15
N ASP B 285 -26.65 26.43 -3.13
CA ASP B 285 -25.95 27.69 -2.90
C ASP B 285 -26.96 28.84 -2.93
N ALA B 286 -27.09 29.61 -1.85
CA ALA B 286 -28.10 30.66 -1.78
C ALA B 286 -27.88 31.83 -2.72
N GLN B 287 -26.64 32.21 -2.93
CA GLN B 287 -26.32 33.36 -3.79
C GLN B 287 -26.64 33.12 -5.25
N THR B 288 -26.13 32.02 -5.81
CA THR B 288 -26.26 31.73 -7.22
C THR B 288 -27.42 30.82 -7.57
N GLY B 289 -27.81 29.96 -6.64
CA GLY B 289 -28.83 28.96 -6.92
C GLY B 289 -28.25 27.70 -7.53
N SER B 290 -26.91 27.59 -7.61
CA SER B 290 -26.26 26.38 -8.10
C SER B 290 -26.49 25.30 -7.04
N SER B 291 -26.85 24.07 -7.44
CA SER B 291 -27.10 23.00 -6.47
C SER B 291 -26.60 21.62 -6.93
N LYS B 292 -26.50 20.65 -6.02
CA LYS B 292 -26.05 19.29 -6.32
C LYS B 292 -26.67 18.37 -5.30
N CYS B 293 -27.36 17.30 -5.76
CA CYS B 293 -28.06 16.29 -4.93
C CYS B 293 -27.11 15.51 -4.06
N VAL B 294 -26.00 15.04 -4.62
CA VAL B 294 -25.03 14.28 -3.86
C VAL B 294 -23.67 14.90 -4.03
N CYS B 295 -23.26 15.70 -3.06
CA CYS B 295 -21.97 16.34 -3.07
C CYS B 295 -21.13 15.73 -1.95
N SER B 296 -20.21 14.83 -2.28
CA SER B 296 -19.35 14.22 -1.29
C SER B 296 -18.33 15.25 -0.76
N VAL B 297 -18.23 15.37 0.55
CA VAL B 297 -17.35 16.33 1.21
C VAL B 297 -16.48 15.60 2.21
N ILE B 298 -15.19 15.86 2.16
CA ILE B 298 -14.24 15.26 3.06
C ILE B 298 -13.43 16.38 3.71
N ASP B 299 -13.14 16.23 4.98
CA ASP B 299 -12.32 17.19 5.67
C ASP B 299 -10.90 16.68 5.84
N LEU B 300 -10.09 16.86 4.81
CA LEU B 300 -8.69 16.53 4.88
C LEU B 300 -7.94 17.82 5.12
N LEU B 301 -6.75 17.76 5.76
CA LEU B 301 -5.87 18.94 5.88
C LEU B 301 -5.47 19.28 4.44
N LEU B 302 -5.52 20.55 4.04
CA LEU B 302 -5.27 20.91 2.63
C LEU B 302 -3.95 20.34 2.09
N ASP B 303 -2.92 20.29 2.92
CA ASP B 303 -1.61 19.74 2.58
C ASP B 303 -1.73 18.25 2.26
N ASP B 304 -2.55 17.52 3.04
CA ASP B 304 -2.77 16.10 2.81
C ASP B 304 -3.48 15.88 1.48
N PHE B 305 -4.51 16.70 1.18
CA PHE B 305 -5.25 16.59 -0.07
C PHE B 305 -4.36 16.90 -1.26
N VAL B 306 -3.51 17.92 -1.15
CA VAL B 306 -2.55 18.32 -2.18
C VAL B 306 -1.55 17.19 -2.43
N GLU B 307 -1.06 16.54 -1.37
CA GLU B 307 -0.14 15.41 -1.44
C GLU B 307 -0.79 14.22 -2.13
N ILE B 308 -2.06 13.98 -1.87
CA ILE B 308 -2.79 12.89 -2.50
C ILE B 308 -2.93 13.16 -3.99
N ILE B 309 -3.46 14.33 -4.38
CA ILE B 309 -3.72 14.62 -5.79
C ILE B 309 -2.40 14.74 -6.59
N LYS B 310 -1.35 15.30 -5.99
CA LYS B 310 -0.05 15.41 -6.65
C LYS B 310 0.69 14.06 -6.77
N SER B 311 0.26 13.03 -6.03
CA SER B 311 0.88 11.70 -6.11
C SER B 311 0.12 10.78 -7.04
N GLN B 312 -0.68 11.30 -7.98
CA GLN B 312 -1.44 10.48 -8.91
C GLN B 312 -0.94 10.59 -10.33
N ASP B 313 -1.17 9.55 -11.11
CA ASP B 313 -0.80 9.56 -12.51
C ASP B 313 -1.98 10.19 -13.26
N LEU B 314 -1.73 11.28 -14.04
CA LEU B 314 -2.79 12.00 -14.76
C LEU B 314 -2.93 11.61 -16.23
N SER B 315 -2.53 10.38 -16.60
CA SER B 315 -2.56 9.94 -18.00
C SER B 315 -3.84 9.25 -18.48
N VAL B 316 -4.75 8.88 -17.57
CA VAL B 316 -5.97 8.17 -17.97
C VAL B 316 -7.22 9.03 -17.85
N VAL B 317 -8.21 8.83 -18.73
CA VAL B 317 -9.48 9.55 -18.71
C VAL B 317 -10.19 9.42 -17.34
N SER B 318 -10.39 8.19 -16.85
CA SER B 318 -11.03 7.97 -15.55
C SER B 318 -10.50 6.73 -14.85
N LYS B 319 -10.29 6.82 -13.54
CA LYS B 319 -9.84 5.69 -12.75
C LYS B 319 -10.21 5.84 -11.26
N VAL B 320 -10.24 4.71 -10.54
CA VAL B 320 -10.53 4.70 -9.12
C VAL B 320 -9.21 4.78 -8.37
N VAL B 321 -9.07 5.81 -7.54
CA VAL B 321 -7.89 6.07 -6.70
C VAL B 321 -8.29 5.71 -5.26
N LYS B 322 -7.61 4.75 -4.66
CA LYS B 322 -7.87 4.29 -3.32
C LYS B 322 -6.91 4.94 -2.31
N VAL B 323 -7.45 5.64 -1.30
CA VAL B 323 -6.62 6.33 -0.31
C VAL B 323 -7.03 5.84 1.06
N THR B 324 -6.10 5.49 1.95
CA THR B 324 -6.46 5.09 3.31
C THR B 324 -6.63 6.33 4.16
N ILE B 325 -7.87 6.59 4.59
CA ILE B 325 -8.23 7.72 5.43
C ILE B 325 -8.99 7.15 6.62
N ASP B 326 -8.59 7.52 7.84
CA ASP B 326 -9.22 7.06 9.09
C ASP B 326 -9.22 5.54 9.21
N TYR B 327 -8.16 4.88 8.66
CA TYR B 327 -7.99 3.42 8.67
C TYR B 327 -8.84 2.69 7.61
N THR B 328 -9.71 3.41 6.88
CA THR B 328 -10.55 2.80 5.87
C THR B 328 -10.08 3.15 4.47
N GLU B 329 -10.46 2.30 3.51
CA GLU B 329 -10.13 2.54 2.13
C GLU B 329 -11.19 3.42 1.50
N ILE B 330 -10.79 4.64 1.12
CA ILE B 330 -11.70 5.54 0.44
C ILE B 330 -11.42 5.54 -1.05
N SER B 331 -12.42 5.20 -1.84
CA SER B 331 -12.31 5.27 -3.27
C SER B 331 -12.64 6.70 -3.69
N PHE B 332 -11.82 7.23 -4.59
CA PHE B 332 -11.97 8.53 -5.22
C PHE B 332 -12.05 8.29 -6.70
N MET B 333 -12.73 9.18 -7.40
CA MET B 333 -12.79 9.12 -8.83
C MET B 333 -11.90 10.17 -9.39
N LEU B 334 -10.87 9.79 -10.14
CA LEU B 334 -9.96 10.75 -10.76
C LEU B 334 -10.32 10.86 -12.24
N TRP B 335 -10.61 12.07 -12.71
CA TRP B 335 -10.98 12.31 -14.09
C TRP B 335 -9.96 13.25 -14.70
N CYS B 336 -9.25 12.80 -15.74
CA CYS B 336 -8.21 13.62 -16.36
C CYS B 336 -8.43 13.86 -17.85
N LYS B 337 -7.80 14.91 -18.38
CA LYS B 337 -7.82 15.27 -19.79
C LYS B 337 -6.53 15.98 -20.11
N ASP B 338 -5.85 15.55 -21.18
CA ASP B 338 -4.60 16.12 -21.67
C ASP B 338 -3.51 16.30 -20.61
N GLY B 339 -3.39 15.34 -19.69
CA GLY B 339 -2.37 15.41 -18.65
C GLY B 339 -2.69 16.32 -17.48
N HIS B 340 -3.95 16.77 -17.40
CA HIS B 340 -4.38 17.62 -16.29
C HIS B 340 -5.66 17.09 -15.66
N VAL B 341 -5.84 17.38 -14.38
CA VAL B 341 -7.04 16.97 -13.67
C VAL B 341 -8.25 17.74 -14.17
N GLU B 342 -9.39 17.04 -14.35
CA GLU B 342 -10.68 17.64 -14.66
C GLU B 342 -11.43 17.70 -13.33
N THR B 343 -11.52 16.56 -12.61
CA THR B 343 -12.08 16.48 -11.28
C THR B 343 -11.47 15.30 -10.48
N PHE B 344 -11.63 15.35 -9.18
CA PHE B 344 -11.16 14.35 -8.26
C PHE B 344 -12.10 14.43 -7.09
N TYR B 345 -12.93 13.42 -6.86
CA TYR B 345 -13.94 13.49 -5.78
C TYR B 345 -14.07 12.17 -5.05
N PRO B 346 -14.39 12.18 -3.73
CA PRO B 346 -14.66 10.92 -3.04
C PRO B 346 -15.82 10.16 -3.72
N LYS B 347 -15.51 9.03 -4.37
CA LYS B 347 -16.42 8.17 -5.16
C LYS B 347 -17.73 7.87 -4.49
N LEU B 348 -18.81 8.09 -5.27
CA LEU B 348 -20.22 7.89 -4.91
C LEU B 348 -20.56 6.42 -5.25
N GLN B 349 -20.45 5.54 -4.25
CA GLN B 349 -20.71 4.11 -4.45
C GLN B 349 -21.46 3.48 -3.25
#